data_4UEJ
#
_entry.id   4UEJ
#
_cell.length_a   65.311
_cell.length_b   78.810
_cell.length_c   68.244
_cell.angle_alpha   90.00
_cell.angle_beta   94.75
_cell.angle_gamma   90.00
#
_symmetry.space_group_name_H-M   'P 1 21 1'
#
loop_
_entity.id
_entity.type
_entity.pdbx_description
1 polymer 'GALACTITOL-1-PHOSPHATE 5-DEHYDROGENASE'
2 non-polymer 'ZINC ION'
3 non-polymer GLYCEROL
4 water water
#
_entity_poly.entity_id   1
_entity_poly.type   'polypeptide(L)'
_entity_poly.pdbx_seq_one_letter_code
;MKSVVNDTDGIVRVAESVIPEIKHQDEVRVKIASSGLCGSDLPRIFKNGAHYYPITLGHEFSGYIDAVGSGVDDLHPGDA
VACVPLLPCFTCPECLKGFYSQCAKYDFIGSRRDGGFAEYIVVKRKNVFALPTDMPIEDGAFIEPITVGLHAFHLAQGCE
NKNVIIIGAGTIGLLAIQCAVALGAKSVTAIDISSEKLALAKSFGAMQTFNSSEMSAPQMQSVLRELRFNQLILETAGVP
QTVELAVEIAGPHAQLALVGTLHQDLHLTSATFGKILRKELTVIGSWMNYSSPWPGQEWETASRLLTERKLSLEPLIAHR
GSFESFAQAVRDIARNAMPGKVLLIP
;
_entity_poly.pdbx_strand_id   A,B
#
loop_
_chem_comp.id
_chem_comp.type
_chem_comp.name
_chem_comp.formula
GOL non-polymer GLYCEROL 'C3 H8 O3'
ZN non-polymer 'ZINC ION' 'Zn 2'
#
# COMPACT_ATOMS: atom_id res chain seq x y z
N MET A 1 -39.44 21.48 14.44
CA MET A 1 -38.65 21.43 13.22
C MET A 1 -38.65 20.05 12.59
N LYS A 2 -38.41 20.01 11.28
CA LYS A 2 -38.40 18.77 10.54
C LYS A 2 -37.01 18.16 10.47
N SER A 3 -36.96 16.85 10.30
CA SER A 3 -35.72 16.15 10.01
C SER A 3 -36.04 14.84 9.32
N VAL A 4 -35.03 14.25 8.68
CA VAL A 4 -35.19 12.92 8.12
C VAL A 4 -34.60 11.90 9.08
N VAL A 5 -35.41 10.92 9.46
CA VAL A 5 -34.97 9.89 10.39
C VAL A 5 -35.03 8.51 9.73
N ASN A 6 -33.91 7.81 9.77
CA ASN A 6 -33.83 6.45 9.24
C ASN A 6 -33.94 5.43 10.36
N ASP A 7 -34.75 4.40 10.15
CA ASP A 7 -34.84 3.33 11.12
C ASP A 7 -34.39 2.00 10.50
N THR A 8 -34.32 0.98 11.34
CA THR A 8 -33.88 -0.35 10.93
C THR A 8 -34.65 -0.84 9.71
N ASP A 9 -33.93 -1.52 8.82
CA ASP A 9 -34.51 -2.18 7.64
C ASP A 9 -35.06 -1.20 6.60
N GLY A 10 -34.40 -0.04 6.48
CA GLY A 10 -34.63 0.85 5.37
C GLY A 10 -35.88 1.72 5.40
N ILE A 11 -36.42 1.96 6.59
CA ILE A 11 -37.58 2.84 6.68
C ILE A 11 -37.11 4.29 6.85
N VAL A 12 -37.61 5.15 5.99
CA VAL A 12 -37.29 6.58 6.04
C VAL A 12 -38.52 7.39 6.44
N ARG A 13 -38.36 8.21 7.46
CA ARG A 13 -39.46 9.02 7.97
C ARG A 13 -39.06 10.48 8.05
N VAL A 14 -40.03 11.37 7.89
CA VAL A 14 -39.80 12.78 8.17
C VAL A 14 -40.40 13.06 9.54
N ALA A 15 -39.58 13.49 10.48
CA ALA A 15 -40.02 13.62 11.86
C ALA A 15 -40.08 15.07 12.31
N GLU A 16 -40.85 15.32 13.35
CA GLU A 16 -40.95 16.65 13.95
C GLU A 16 -40.34 16.62 15.35
N SER A 17 -39.54 17.61 15.67
CA SER A 17 -38.95 17.70 17.01
C SER A 17 -38.60 19.14 17.35
N VAL A 18 -38.16 19.36 18.59
CA VAL A 18 -37.82 20.70 19.04
C VAL A 18 -36.47 21.14 18.47
N ILE A 19 -36.35 22.44 18.19
CA ILE A 19 -35.07 23.03 17.81
C ILE A 19 -34.06 22.76 18.93
N PRO A 20 -32.88 22.23 18.58
CA PRO A 20 -31.87 22.00 19.61
C PRO A 20 -31.32 23.32 20.16
N GLU A 21 -30.99 23.33 21.45
CA GLU A 21 -30.46 24.54 22.07
C GLU A 21 -28.96 24.45 22.25
N ILE A 22 -28.30 25.60 22.29
CA ILE A 22 -26.88 25.67 22.59
C ILE A 22 -26.71 25.37 24.07
N LYS A 23 -25.85 24.41 24.38
CA LYS A 23 -25.69 23.97 25.78
C LYS A 23 -24.30 24.27 26.34
N HIS A 24 -23.37 24.63 25.47
CA HIS A 24 -21.99 24.90 25.87
C HIS A 24 -21.43 26.14 25.19
N GLN A 25 -20.48 26.79 25.85
CA GLN A 25 -20.00 28.08 25.39
C GLN A 25 -19.31 28.00 24.02
N ASP A 26 -18.85 26.81 23.67
CA ASP A 26 -18.10 26.64 22.42
C ASP A 26 -18.94 26.00 21.31
N GLU A 27 -20.26 26.05 21.46
CA GLU A 27 -21.15 25.53 20.42
C GLU A 27 -21.75 26.63 19.56
N VAL A 28 -22.23 26.24 18.37
CA VAL A 28 -23.01 27.13 17.53
C VAL A 28 -24.25 26.39 17.05
N ARG A 29 -25.28 27.13 16.62
CA ARG A 29 -26.40 26.49 15.97
C ARG A 29 -26.43 26.91 14.51
N VAL A 30 -26.63 25.94 13.64
CA VAL A 30 -26.68 26.21 12.21
C VAL A 30 -28.07 25.99 11.64
N LYS A 31 -28.58 26.98 10.91
CA LYS A 31 -29.78 26.77 10.14
C LYS A 31 -29.36 26.21 8.79
N ILE A 32 -29.74 24.97 8.53
CA ILE A 32 -29.22 24.23 7.39
C ILE A 32 -29.88 24.64 6.06
N ALA A 33 -29.03 24.95 5.07
CA ALA A 33 -29.51 25.45 3.78
C ALA A 33 -29.45 24.40 2.69
N SER A 34 -28.46 23.52 2.77
CA SER A 34 -28.21 22.53 1.73
C SER A 34 -27.46 21.36 2.34
N SER A 35 -27.95 20.15 2.12
CA SER A 35 -27.43 18.98 2.82
C SER A 35 -27.47 17.76 1.91
N GLY A 36 -26.29 17.21 1.60
CA GLY A 36 -26.19 16.18 0.58
C GLY A 36 -26.17 14.78 1.11
N LEU A 37 -26.69 13.83 0.34
CA LEU A 37 -26.58 12.40 0.66
C LEU A 37 -25.29 11.80 0.11
N CYS A 38 -24.48 11.19 0.99
CA CYS A 38 -23.23 10.54 0.61
C CYS A 38 -23.44 9.08 0.21
N GLY A 39 -22.61 8.57 -0.69
CA GLY A 39 -22.62 7.16 -1.01
C GLY A 39 -22.52 6.28 0.22
N SER A 40 -21.76 6.74 1.20
CA SER A 40 -21.55 6.00 2.45
C SER A 40 -22.82 5.93 3.29
N ASP A 41 -23.79 6.77 2.97
CA ASP A 41 -25.06 6.79 3.70
C ASP A 41 -25.96 5.63 3.29
N LEU A 42 -25.80 5.14 2.07
CA LEU A 42 -26.66 4.08 1.54
C LEU A 42 -26.62 2.80 2.39
N PRO A 43 -25.42 2.32 2.78
CA PRO A 43 -25.40 1.19 3.72
C PRO A 43 -26.05 1.51 5.07
N ARG A 44 -25.98 2.76 5.50
CA ARG A 44 -26.56 3.15 6.79
C ARG A 44 -28.07 3.10 6.74
N ILE A 45 -28.63 3.43 5.58
CA ILE A 45 -30.07 3.50 5.42
C ILE A 45 -30.66 2.13 5.14
N PHE A 46 -30.04 1.39 4.23
CA PHE A 46 -30.67 0.19 3.72
C PHE A 46 -30.08 -1.13 4.22
N LYS A 47 -28.83 -1.09 4.68
CA LYS A 47 -28.12 -2.32 5.03
C LYS A 47 -27.85 -2.45 6.51
N ASN A 48 -28.67 -1.79 7.32
CA ASN A 48 -28.50 -1.76 8.77
C ASN A 48 -27.04 -1.47 9.16
N GLY A 49 -26.42 -0.54 8.45
CA GLY A 49 -25.01 -0.23 8.64
C GLY A 49 -24.73 0.99 9.50
N ALA A 50 -25.77 1.57 10.07
CA ALA A 50 -25.59 2.70 10.98
C ALA A 50 -25.24 2.21 12.37
N HIS A 51 -24.57 3.05 13.15
CA HIS A 51 -24.18 2.70 14.51
C HIS A 51 -25.38 2.54 15.45
N TYR A 52 -26.49 3.19 15.11
CA TYR A 52 -27.69 3.10 15.91
C TYR A 52 -28.92 3.50 15.12
N TYR A 53 -30.08 3.05 15.58
CA TYR A 53 -31.37 3.46 15.04
C TYR A 53 -32.32 3.78 16.18
N PRO A 54 -33.19 4.78 16.01
CA PRO A 54 -33.28 5.65 14.82
C PRO A 54 -32.12 6.63 14.75
N ILE A 55 -31.82 7.12 13.55
CA ILE A 55 -30.68 8.01 13.38
C ILE A 55 -31.02 9.08 12.34
N THR A 56 -30.47 10.27 12.53
CA THR A 56 -30.57 11.30 11.50
C THR A 56 -29.20 11.47 10.88
N LEU A 57 -29.10 11.20 9.59
CA LEU A 57 -27.81 11.26 8.90
C LEU A 57 -27.52 12.65 8.35
N GLY A 58 -26.43 12.77 7.60
CA GLY A 58 -26.08 14.02 6.95
C GLY A 58 -24.78 14.64 7.44
N HIS A 59 -23.71 14.49 6.66
CA HIS A 59 -22.43 15.10 7.02
C HIS A 59 -21.82 15.97 5.92
N GLU A 60 -22.65 16.31 4.94
CA GLU A 60 -22.24 17.11 3.79
C GLU A 60 -23.21 18.26 3.69
N PHE A 61 -23.03 19.28 4.50
CA PHE A 61 -24.02 20.34 4.49
C PHE A 61 -23.48 21.72 4.79
N SER A 62 -24.28 22.72 4.43
CA SER A 62 -23.97 24.11 4.69
C SER A 62 -25.21 24.83 5.21
N GLY A 63 -24.99 26.03 5.72
CA GLY A 63 -26.09 26.82 6.22
C GLY A 63 -25.56 28.09 6.85
N TYR A 64 -26.42 28.74 7.62
CA TYR A 64 -26.05 30.00 8.26
C TYR A 64 -26.06 29.85 9.77
N ILE A 65 -25.11 30.50 10.42
CA ILE A 65 -25.10 30.53 11.87
C ILE A 65 -26.38 31.21 12.38
N ASP A 66 -27.12 30.48 13.19
CA ASP A 66 -28.38 30.96 13.75
C ASP A 66 -28.14 31.60 15.11
N ALA A 67 -27.17 31.04 15.83
CA ALA A 67 -26.81 31.50 17.17
C ALA A 67 -25.44 30.95 17.56
N VAL A 68 -24.76 31.61 18.49
CA VAL A 68 -23.46 31.13 18.97
C VAL A 68 -23.38 31.09 20.48
N GLY A 69 -22.55 30.19 21.00
CA GLY A 69 -22.27 30.12 22.41
C GLY A 69 -21.48 31.34 22.86
N SER A 70 -21.48 31.59 24.15
CA SER A 70 -20.88 32.79 24.71
C SER A 70 -19.35 32.82 24.57
N GLY A 71 -18.77 31.66 24.28
CA GLY A 71 -17.33 31.56 24.10
C GLY A 71 -16.89 31.68 22.66
N VAL A 72 -17.85 31.85 21.75
CA VAL A 72 -17.56 31.95 20.33
C VAL A 72 -17.45 33.41 19.90
N ASP A 73 -16.25 33.83 19.52
CA ASP A 73 -16.00 35.24 19.22
C ASP A 73 -15.68 35.52 17.76
N ASP A 74 -15.53 34.46 16.96
CA ASP A 74 -15.11 34.64 15.58
C ASP A 74 -16.19 34.21 14.58
N LEU A 75 -17.40 34.01 15.08
CA LEU A 75 -18.55 33.74 14.22
C LEU A 75 -19.77 34.48 14.73
N HIS A 76 -20.67 34.82 13.81
CA HIS A 76 -21.84 35.61 14.17
C HIS A 76 -23.05 35.11 13.40
N PRO A 77 -24.25 35.32 13.95
CA PRO A 77 -25.49 34.99 13.26
C PRO A 77 -25.51 35.54 11.83
N GLY A 78 -25.81 34.67 10.87
CA GLY A 78 -25.82 35.08 9.47
C GLY A 78 -24.61 34.63 8.69
N ASP A 79 -23.53 34.29 9.40
CA ASP A 79 -22.32 33.80 8.73
C ASP A 79 -22.57 32.47 8.05
N ALA A 80 -22.06 32.33 6.83
CA ALA A 80 -22.18 31.10 6.08
C ALA A 80 -21.11 30.12 6.50
N VAL A 81 -21.50 28.86 6.70
CA VAL A 81 -20.56 27.82 7.09
C VAL A 81 -20.84 26.50 6.38
N ALA A 82 -19.79 25.68 6.26
CA ALA A 82 -19.96 24.26 5.95
C ALA A 82 -19.68 23.48 7.21
N CYS A 83 -20.28 22.30 7.33
CA CYS A 83 -19.99 21.44 8.46
C CYS A 83 -18.68 20.69 8.30
N VAL A 84 -17.88 20.68 9.37
CA VAL A 84 -16.70 19.82 9.50
C VAL A 84 -17.14 18.70 10.43
N PRO A 85 -17.51 17.54 9.86
CA PRO A 85 -18.33 16.63 10.67
C PRO A 85 -17.57 15.82 11.72
N LEU A 86 -16.27 15.63 11.53
CA LEU A 86 -15.45 14.89 12.50
C LEU A 86 -15.14 15.75 13.70
N LEU A 87 -15.28 15.20 14.89
CA LEU A 87 -14.80 15.89 16.09
C LEU A 87 -13.79 15.02 16.79
N PRO A 88 -12.49 15.27 16.53
CA PRO A 88 -11.45 14.56 17.28
C PRO A 88 -11.40 15.05 18.72
N CYS A 89 -10.70 14.30 19.58
CA CYS A 89 -10.60 14.66 21.00
C CYS A 89 -9.54 15.74 21.22
N PHE A 90 -8.58 15.80 20.29
CA PHE A 90 -7.48 16.78 20.26
C PHE A 90 -6.46 16.63 21.39
N THR A 91 -6.54 15.55 22.15
CA THR A 91 -5.64 15.40 23.30
C THR A 91 -4.96 14.04 23.40
N CYS A 92 -5.29 13.11 22.50
CA CYS A 92 -4.62 11.80 22.49
C CYS A 92 -3.36 11.90 21.64
N PRO A 93 -2.45 10.92 21.75
CA PRO A 93 -1.20 11.00 20.99
C PRO A 93 -1.42 11.12 19.48
N GLU A 94 -2.38 10.39 18.93
CA GLU A 94 -2.69 10.49 17.50
C GLU A 94 -3.08 11.93 17.13
N CYS A 95 -3.97 12.53 17.90
CA CYS A 95 -4.42 13.89 17.61
C CYS A 95 -3.26 14.88 17.69
N LEU A 96 -2.41 14.70 18.70
CA LEU A 96 -1.28 15.62 18.87
C LEU A 96 -0.28 15.48 17.72
N LYS A 97 -0.36 14.38 16.98
CA LYS A 97 0.49 14.20 15.81
C LYS A 97 -0.21 14.65 14.53
N GLY A 98 -1.46 15.09 14.65
CA GLY A 98 -2.22 15.52 13.49
C GLY A 98 -2.91 14.35 12.80
N PHE A 99 -2.91 13.19 13.46
CA PHE A 99 -3.58 12.01 12.95
C PHE A 99 -5.03 11.96 13.44
N TYR A 100 -5.84 12.92 13.00
CA TYR A 100 -7.17 13.11 13.59
C TYR A 100 -8.11 11.98 13.28
N SER A 101 -7.95 11.43 12.08
CA SER A 101 -8.81 10.35 11.64
C SER A 101 -8.44 9.03 12.29
N GLN A 102 -7.36 9.01 13.08
CA GLN A 102 -7.02 7.86 13.89
C GLN A 102 -7.31 8.09 15.37
N CYS A 103 -7.99 9.19 15.67
CA CYS A 103 -8.42 9.41 17.05
C CYS A 103 -9.32 8.24 17.49
N ALA A 104 -9.06 7.69 18.67
CA ALA A 104 -9.84 6.54 19.13
C ALA A 104 -11.20 7.00 19.67
N LYS A 105 -11.26 8.27 20.07
CA LYS A 105 -12.48 8.81 20.66
C LYS A 105 -13.00 10.00 19.88
N TYR A 106 -13.31 9.81 18.61
CA TYR A 106 -13.84 10.91 17.81
C TYR A 106 -15.35 10.79 17.63
N ASP A 107 -16.02 11.93 17.54
CA ASP A 107 -17.43 11.97 17.20
C ASP A 107 -17.54 12.24 15.71
N PHE A 108 -18.69 11.93 15.14
CA PHE A 108 -18.86 12.22 13.73
C PHE A 108 -20.31 12.59 13.46
N ILE A 109 -20.51 13.81 13.00
CA ILE A 109 -21.83 14.33 12.73
C ILE A 109 -22.43 13.56 11.55
N GLY A 110 -23.56 12.91 11.79
CA GLY A 110 -24.23 12.14 10.76
C GLY A 110 -23.83 10.68 10.73
N SER A 111 -23.12 10.22 11.75
CA SER A 111 -22.76 8.81 11.84
C SER A 111 -22.72 8.35 13.29
N ARG A 112 -21.92 9.02 14.10
CA ARG A 112 -21.83 8.67 15.52
C ARG A 112 -22.76 9.52 16.39
N ARG A 113 -23.19 10.65 15.85
CA ARG A 113 -24.24 11.48 16.44
C ARG A 113 -25.14 11.92 15.29
N ASP A 114 -26.33 12.42 15.61
CA ASP A 114 -27.27 12.85 14.57
C ASP A 114 -26.70 14.01 13.76
N GLY A 115 -27.11 14.09 12.50
CA GLY A 115 -26.49 15.01 11.57
C GLY A 115 -27.43 15.96 10.86
N GLY A 116 -27.05 16.35 9.65
CA GLY A 116 -27.60 17.51 8.99
C GLY A 116 -28.81 17.37 8.08
N PHE A 117 -29.47 16.22 8.10
CA PHE A 117 -30.77 16.10 7.44
C PHE A 117 -31.83 16.66 8.38
N ALA A 118 -31.72 17.96 8.64
CA ALA A 118 -32.54 18.63 9.65
C ALA A 118 -32.57 20.14 9.35
N GLU A 119 -33.55 20.85 9.90
CA GLU A 119 -33.63 22.29 9.69
C GLU A 119 -32.57 23.03 10.50
N TYR A 120 -32.29 22.54 11.69
CA TYR A 120 -31.27 23.13 12.55
C TYR A 120 -30.41 22.05 13.18
N ILE A 121 -29.16 22.40 13.48
CA ILE A 121 -28.31 21.51 14.25
C ILE A 121 -27.41 22.31 15.18
N VAL A 122 -27.10 21.75 16.34
CA VAL A 122 -26.11 22.35 17.23
C VAL A 122 -24.82 21.53 17.17
N VAL A 123 -23.70 22.20 16.95
CA VAL A 123 -22.39 21.55 16.84
C VAL A 123 -21.32 22.40 17.52
N LYS A 124 -20.12 21.85 17.68
CA LYS A 124 -19.00 22.63 18.21
C LYS A 124 -18.53 23.65 17.18
N ARG A 125 -17.99 24.76 17.65
CA ARG A 125 -17.31 25.74 16.79
C ARG A 125 -16.33 25.04 15.84
N LYS A 126 -15.63 24.04 16.36
CA LYS A 126 -14.63 23.35 15.55
C LYS A 126 -15.26 22.47 14.48
N ASN A 127 -16.59 22.34 14.52
CA ASN A 127 -17.32 21.57 13.52
C ASN A 127 -17.94 22.44 12.42
N VAL A 128 -17.57 23.71 12.35
CA VAL A 128 -18.00 24.52 11.20
C VAL A 128 -16.82 25.24 10.59
N PHE A 129 -16.93 25.50 9.30
CA PHE A 129 -15.88 26.08 8.49
C PHE A 129 -16.49 27.23 7.70
N ALA A 130 -15.98 28.43 7.93
CA ALA A 130 -16.58 29.63 7.37
C ALA A 130 -16.39 29.70 5.86
N LEU A 131 -17.47 30.00 5.15
CA LEU A 131 -17.45 30.15 3.69
C LEU A 131 -17.21 31.59 3.30
N PRO A 132 -16.61 31.81 2.12
CA PRO A 132 -16.56 33.15 1.56
C PRO A 132 -17.97 33.70 1.40
N THR A 133 -18.16 34.99 1.65
CA THR A 133 -19.50 35.57 1.66
C THR A 133 -20.18 35.54 0.29
N ASP A 134 -19.39 35.47 -0.78
CA ASP A 134 -19.95 35.46 -2.13
C ASP A 134 -20.22 34.04 -2.64
N MET A 135 -19.89 33.04 -1.84
CA MET A 135 -20.14 31.67 -2.27
C MET A 135 -21.61 31.31 -2.12
N PRO A 136 -22.23 30.84 -3.21
CA PRO A 136 -23.61 30.38 -3.09
C PRO A 136 -23.68 29.30 -2.01
N ILE A 137 -24.60 29.45 -1.07
CA ILE A 137 -24.61 28.64 0.13
C ILE A 137 -24.74 27.16 -0.20
N GLU A 138 -25.51 26.86 -1.25
CA GLU A 138 -25.70 25.48 -1.69
C GLU A 138 -24.36 24.82 -2.00
N ASP A 139 -23.42 25.59 -2.55
CA ASP A 139 -22.11 25.03 -2.91
C ASP A 139 -21.36 24.53 -1.69
N GLY A 140 -21.70 25.06 -0.53
CA GLY A 140 -21.00 24.73 0.69
C GLY A 140 -21.16 23.28 1.08
N ALA A 141 -22.27 22.68 0.65
CA ALA A 141 -22.52 21.27 0.95
C ALA A 141 -21.56 20.35 0.21
N PHE A 142 -20.77 20.91 -0.71
CA PHE A 142 -19.86 20.06 -1.48
C PHE A 142 -18.44 20.13 -0.97
N ILE A 143 -18.18 21.01 -0.02
CA ILE A 143 -16.81 21.15 0.46
C ILE A 143 -16.28 19.88 1.10
N GLU A 144 -17.08 19.26 1.97
CA GLU A 144 -16.67 18.03 2.62
C GLU A 144 -16.35 16.91 1.59
N PRO A 145 -17.26 16.66 0.62
CA PRO A 145 -16.88 15.61 -0.34
C PRO A 145 -15.69 15.98 -1.25
N ILE A 146 -15.48 17.27 -1.54
CA ILE A 146 -14.27 17.68 -2.26
C ILE A 146 -13.03 17.30 -1.47
N THR A 147 -13.06 17.56 -0.17
CA THR A 147 -11.86 17.30 0.62
C THR A 147 -11.50 15.83 0.72
N VAL A 148 -12.45 14.94 0.47
CA VAL A 148 -12.13 13.50 0.47
C VAL A 148 -11.03 13.21 -0.56
N GLY A 149 -11.26 13.65 -1.80
CA GLY A 149 -10.30 13.47 -2.87
C GLY A 149 -9.04 14.24 -2.61
N LEU A 150 -9.17 15.46 -2.10
CA LEU A 150 -8.02 16.29 -1.82
C LEU A 150 -7.13 15.65 -0.77
N HIS A 151 -7.75 14.99 0.21
CA HIS A 151 -6.99 14.33 1.27
C HIS A 151 -6.15 13.19 0.69
N ALA A 152 -6.75 12.42 -0.20
CA ALA A 152 -6.00 11.35 -0.89
C ALA A 152 -4.85 11.92 -1.71
N PHE A 153 -5.08 12.99 -2.48
CA PHE A 153 -3.96 13.64 -3.20
C PHE A 153 -2.85 14.11 -2.25
N HIS A 154 -3.26 14.66 -1.11
CA HIS A 154 -2.29 15.12 -0.12
C HIS A 154 -1.43 13.97 0.40
N LEU A 155 -2.05 12.84 0.69
CA LEU A 155 -1.30 11.67 1.17
C LEU A 155 -0.32 11.17 0.13
N ALA A 156 -0.66 11.39 -1.14
CA ALA A 156 0.18 10.96 -2.26
C ALA A 156 1.22 12.00 -2.66
N GLN A 157 1.33 13.06 -1.87
CA GLN A 157 2.27 14.16 -2.12
C GLN A 157 1.92 14.90 -3.42
N GLY A 158 0.63 14.97 -3.71
CA GLY A 158 0.14 15.82 -4.80
C GLY A 158 -0.11 15.08 -6.09
N CYS A 159 -0.78 15.74 -7.03
CA CYS A 159 -1.06 15.09 -8.31
C CYS A 159 -0.40 15.81 -9.48
N GLU A 160 0.40 16.84 -9.17
CA GLU A 160 1.04 17.63 -10.22
C GLU A 160 1.95 16.81 -11.14
N ASN A 161 1.73 16.95 -12.44
CA ASN A 161 2.45 16.20 -13.48
C ASN A 161 2.31 14.69 -13.37
N LYS A 162 1.31 14.22 -12.62
CA LYS A 162 1.06 12.78 -12.55
C LYS A 162 -0.03 12.35 -13.51
N ASN A 163 -0.01 11.07 -13.85
CA ASN A 163 -1.06 10.48 -14.65
C ASN A 163 -2.09 9.89 -13.70
N VAL A 164 -3.16 10.66 -13.51
CA VAL A 164 -4.15 10.34 -12.50
C VAL A 164 -5.21 9.45 -13.11
N ILE A 165 -5.57 8.42 -12.36
CA ILE A 165 -6.65 7.54 -12.76
C ILE A 165 -7.65 7.52 -11.63
N ILE A 166 -8.89 7.89 -11.93
CA ILE A 166 -9.95 7.87 -10.94
C ILE A 166 -10.89 6.73 -11.22
N ILE A 167 -10.99 5.78 -10.30
CA ILE A 167 -11.87 4.65 -10.50
C ILE A 167 -13.13 4.88 -9.67
N GLY A 168 -14.27 4.91 -10.34
CA GLY A 168 -15.50 5.24 -9.65
C GLY A 168 -15.91 6.64 -10.04
N ALA A 169 -17.09 6.75 -10.64
CA ALA A 169 -17.59 8.04 -11.12
C ALA A 169 -18.82 8.48 -10.33
N GLY A 170 -18.81 8.18 -9.04
CA GLY A 170 -19.79 8.75 -8.12
C GLY A 170 -19.37 10.18 -7.82
N THR A 171 -20.06 10.84 -6.91
CA THR A 171 -19.73 12.25 -6.68
C THR A 171 -18.28 12.48 -6.25
N ILE A 172 -17.79 11.67 -5.32
N ILE A 172 -17.80 11.67 -5.31
CA ILE A 172 -16.43 11.87 -4.85
CA ILE A 172 -16.43 11.80 -4.84
C ILE A 172 -15.40 11.66 -5.97
C ILE A 172 -15.45 11.68 -6.00
N GLY A 173 -15.64 10.66 -6.82
CA GLY A 173 -14.80 10.46 -7.99
C GLY A 173 -14.85 11.59 -9.02
N LEU A 174 -16.05 12.07 -9.32
CA LEU A 174 -16.16 13.15 -10.28
C LEU A 174 -15.51 14.42 -9.75
N LEU A 175 -15.65 14.68 -8.45
CA LEU A 175 -14.99 15.85 -7.85
C LEU A 175 -13.46 15.68 -7.93
N ALA A 176 -12.99 14.47 -7.68
CA ALA A 176 -11.57 14.18 -7.74
C ALA A 176 -11.00 14.44 -9.14
N ILE A 177 -11.76 14.12 -10.17
CA ILE A 177 -11.33 14.44 -11.53
C ILE A 177 -11.12 15.93 -11.70
N GLN A 178 -12.11 16.71 -11.27
CA GLN A 178 -12.04 18.15 -11.37
C GLN A 178 -10.85 18.72 -10.59
N CYS A 179 -10.61 18.18 -9.39
CA CYS A 179 -9.50 18.66 -8.58
C CYS A 179 -8.16 18.30 -9.21
N ALA A 180 -8.03 17.08 -9.72
CA ALA A 180 -6.81 16.66 -10.38
C ALA A 180 -6.45 17.59 -11.54
N VAL A 181 -7.44 17.96 -12.34
CA VAL A 181 -7.20 18.87 -13.44
C VAL A 181 -6.73 20.23 -12.93
N ALA A 182 -7.40 20.72 -11.89
CA ALA A 182 -7.12 22.05 -11.38
C ALA A 182 -5.73 22.15 -10.73
N LEU A 183 -5.27 21.02 -10.22
CA LEU A 183 -4.03 20.94 -9.45
C LEU A 183 -2.87 20.46 -10.31
N GLY A 184 -3.10 20.40 -11.63
CA GLY A 184 -2.01 20.22 -12.57
C GLY A 184 -1.58 18.82 -12.92
N ALA A 185 -2.49 17.85 -12.77
CA ALA A 185 -2.24 16.50 -13.28
C ALA A 185 -1.84 16.53 -14.75
N LYS A 186 -0.92 15.65 -15.14
CA LYS A 186 -0.50 15.55 -16.54
C LYS A 186 -1.64 15.03 -17.39
N SER A 187 -2.34 14.03 -16.87
CA SER A 187 -3.51 13.49 -17.51
C SER A 187 -4.49 13.01 -16.44
N VAL A 188 -5.76 12.90 -16.81
CA VAL A 188 -6.73 12.27 -15.93
C VAL A 188 -7.54 11.27 -16.73
N THR A 189 -7.60 10.04 -16.22
CA THR A 189 -8.37 8.96 -16.83
C THR A 189 -9.50 8.59 -15.88
N ALA A 190 -10.70 8.35 -16.38
CA ALA A 190 -11.78 7.95 -15.50
C ALA A 190 -12.28 6.56 -15.85
N ILE A 191 -12.54 5.73 -14.84
CA ILE A 191 -12.98 4.37 -15.05
C ILE A 191 -14.25 4.08 -14.26
N ASP A 192 -15.26 3.50 -14.90
CA ASP A 192 -16.52 3.19 -14.22
C ASP A 192 -17.28 2.06 -14.90
N ILE A 193 -18.15 1.39 -14.14
CA ILE A 193 -18.94 0.28 -14.68
C ILE A 193 -20.02 0.72 -15.65
N SER A 194 -20.47 1.97 -15.54
CA SER A 194 -21.46 2.52 -16.44
C SER A 194 -20.82 3.58 -17.33
N SER A 195 -21.52 3.99 -18.38
CA SER A 195 -20.92 4.90 -19.38
C SER A 195 -21.45 6.33 -19.33
N GLU A 196 -22.39 6.54 -18.44
CA GLU A 196 -23.16 7.77 -18.42
C GLU A 196 -22.31 8.91 -17.86
N LYS A 197 -21.75 8.65 -16.69
CA LYS A 197 -20.93 9.61 -15.98
C LYS A 197 -19.59 9.81 -16.69
N LEU A 198 -19.28 8.90 -17.61
CA LEU A 198 -18.00 8.95 -18.29
C LEU A 198 -17.97 10.14 -19.26
N ALA A 199 -19.06 10.39 -19.98
CA ALA A 199 -19.12 11.61 -20.80
C ALA A 199 -18.96 12.82 -19.91
N LEU A 200 -19.69 12.82 -18.79
CA LEU A 200 -19.54 13.85 -17.78
C LEU A 200 -18.10 13.95 -17.30
N ALA A 201 -17.48 12.80 -17.06
CA ALA A 201 -16.08 12.80 -16.64
C ALA A 201 -15.20 13.51 -17.67
N LYS A 202 -15.42 13.27 -18.96
CA LYS A 202 -14.67 13.97 -20.00
C LYS A 202 -14.93 15.48 -19.98
N SER A 203 -16.17 15.87 -19.69
N SER A 203 -16.16 15.89 -19.70
CA SER A 203 -16.52 17.29 -19.60
CA SER A 203 -16.44 17.33 -19.65
C SER A 203 -15.81 17.98 -18.44
C SER A 203 -15.69 17.97 -18.48
N PHE A 204 -15.43 17.18 -17.45
CA PHE A 204 -14.72 17.67 -16.28
C PHE A 204 -13.21 17.67 -16.49
N GLY A 205 -12.79 17.20 -17.66
CA GLY A 205 -11.38 17.21 -17.98
C GLY A 205 -10.68 15.87 -18.09
N ALA A 206 -11.38 14.75 -17.90
CA ALA A 206 -10.73 13.46 -18.14
C ALA A 206 -10.43 13.36 -19.64
N MET A 207 -9.22 12.98 -20.00
CA MET A 207 -8.86 12.94 -21.41
C MET A 207 -9.27 11.61 -22.03
N GLN A 208 -9.53 10.62 -21.19
CA GLN A 208 -10.12 9.36 -21.66
C GLN A 208 -10.85 8.65 -20.54
N THR A 209 -11.75 7.75 -20.93
CA THR A 209 -12.57 6.97 -20.01
C THR A 209 -12.61 5.50 -20.43
N PHE A 210 -12.58 4.61 -19.45
CA PHE A 210 -12.74 3.18 -19.69
C PHE A 210 -14.00 2.68 -18.99
N ASN A 211 -14.87 2.03 -19.75
CA ASN A 211 -16.02 1.33 -19.21
C ASN A 211 -15.60 -0.07 -18.78
N SER A 212 -15.57 -0.32 -17.48
CA SER A 212 -14.97 -1.57 -17.01
C SER A 212 -15.88 -2.77 -17.22
N SER A 213 -17.11 -2.51 -17.66
CA SER A 213 -18.01 -3.61 -18.00
C SER A 213 -17.81 -4.01 -19.46
N GLU A 214 -17.00 -3.24 -20.18
CA GLU A 214 -16.78 -3.45 -21.60
C GLU A 214 -15.31 -3.69 -21.94
N MET A 215 -14.42 -3.23 -21.06
CA MET A 215 -12.99 -3.45 -21.23
C MET A 215 -12.43 -4.26 -20.08
N SER A 216 -11.54 -5.18 -20.40
CA SER A 216 -10.79 -5.94 -19.40
C SER A 216 -9.60 -5.14 -18.92
N ALA A 217 -8.97 -5.56 -17.83
CA ALA A 217 -7.79 -4.85 -17.35
C ALA A 217 -6.63 -4.84 -18.36
N PRO A 218 -6.35 -5.98 -19.04
CA PRO A 218 -5.26 -5.89 -20.01
C PRO A 218 -5.55 -4.91 -21.14
N GLN A 219 -6.82 -4.79 -21.53
CA GLN A 219 -7.18 -3.85 -22.56
C GLN A 219 -6.94 -2.43 -22.09
N MET A 220 -7.25 -2.16 -20.84
CA MET A 220 -6.99 -0.85 -20.26
C MET A 220 -5.49 -0.60 -20.14
N GLN A 221 -4.74 -1.62 -19.74
CA GLN A 221 -3.30 -1.45 -19.59
C GLN A 221 -2.66 -1.13 -20.91
N SER A 222 -3.18 -1.74 -21.97
CA SER A 222 -2.69 -1.50 -23.31
C SER A 222 -2.91 -0.06 -23.75
N VAL A 223 -4.08 0.49 -23.48
CA VAL A 223 -4.34 1.89 -23.80
C VAL A 223 -3.46 2.80 -22.94
N LEU A 224 -3.24 2.40 -21.69
CA LEU A 224 -2.48 3.22 -20.74
C LEU A 224 -0.96 3.16 -20.93
N ARG A 225 -0.47 2.34 -21.86
CA ARG A 225 0.97 2.16 -22.03
C ARG A 225 1.77 3.47 -22.04
N GLU A 226 1.33 4.44 -22.83
CA GLU A 226 2.05 5.72 -22.92
C GLU A 226 1.97 6.53 -21.63
N LEU A 227 0.99 6.21 -20.79
CA LEU A 227 0.78 6.96 -19.56
C LEU A 227 1.03 6.10 -18.35
N ARG A 228 1.87 5.07 -18.51
CA ARG A 228 2.05 4.09 -17.43
C ARG A 228 2.92 4.57 -16.28
N PHE A 229 3.71 5.61 -16.50
CA PHE A 229 4.61 6.10 -15.46
C PHE A 229 3.98 7.23 -14.63
N ASN A 230 4.46 7.39 -13.40
CA ASN A 230 3.99 8.43 -12.49
C ASN A 230 2.48 8.46 -12.34
N GLN A 231 1.90 7.27 -12.23
CA GLN A 231 0.47 7.14 -12.01
C GLN A 231 0.08 7.36 -10.56
N LEU A 232 -1.08 7.97 -10.41
CA LEU A 232 -1.75 8.06 -9.11
C LEU A 232 -3.18 7.62 -9.36
N ILE A 233 -3.52 6.48 -8.80
CA ILE A 233 -4.81 5.86 -9.01
C ILE A 233 -5.64 6.04 -7.74
N LEU A 234 -6.82 6.63 -7.86
CA LEU A 234 -7.70 6.73 -6.71
C LEU A 234 -8.84 5.74 -6.88
N GLU A 235 -8.93 4.80 -5.94
CA GLU A 235 -10.02 3.85 -5.91
C GLU A 235 -11.13 4.45 -5.07
N THR A 236 -12.22 4.87 -5.73
CA THR A 236 -13.33 5.51 -5.01
C THR A 236 -14.60 4.65 -4.98
N ALA A 237 -14.61 3.55 -5.73
CA ALA A 237 -15.84 2.75 -5.86
C ALA A 237 -16.08 1.81 -4.67
N GLY A 238 -15.01 1.44 -3.97
CA GLY A 238 -15.16 0.62 -2.78
C GLY A 238 -15.81 -0.73 -2.99
N VAL A 239 -15.44 -1.40 -4.07
CA VAL A 239 -15.89 -2.77 -4.29
C VAL A 239 -14.67 -3.60 -4.64
N PRO A 240 -14.69 -4.91 -4.31
CA PRO A 240 -13.49 -5.72 -4.54
C PRO A 240 -13.00 -5.68 -5.98
N GLN A 241 -13.92 -5.68 -6.94
CA GLN A 241 -13.53 -5.74 -8.34
C GLN A 241 -12.69 -4.53 -8.74
N THR A 242 -12.94 -3.37 -8.14
CA THR A 242 -12.22 -2.17 -8.56
C THR A 242 -10.86 -2.07 -7.87
N VAL A 243 -10.74 -2.57 -6.64
CA VAL A 243 -9.42 -2.66 -5.99
C VAL A 243 -8.52 -3.59 -6.78
N GLU A 244 -9.05 -4.76 -7.13
CA GLU A 244 -8.34 -5.70 -8.01
C GLU A 244 -7.96 -5.05 -9.34
N LEU A 245 -8.91 -4.32 -9.93
CA LEU A 245 -8.66 -3.68 -11.21
C LEU A 245 -7.49 -2.70 -11.12
N ALA A 246 -7.46 -1.93 -10.03
CA ALA A 246 -6.45 -0.92 -9.86
C ALA A 246 -5.05 -1.56 -9.86
N VAL A 247 -4.93 -2.68 -9.17
CA VAL A 247 -3.65 -3.37 -9.12
C VAL A 247 -3.30 -3.94 -10.49
N GLU A 248 -4.29 -4.50 -11.18
CA GLU A 248 -4.05 -5.10 -12.48
C GLU A 248 -3.65 -4.08 -13.55
N ILE A 249 -4.20 -2.88 -13.51
CA ILE A 249 -3.89 -1.92 -14.56
C ILE A 249 -2.70 -1.05 -14.23
N ALA A 250 -2.29 -1.05 -12.97
CA ALA A 250 -1.29 -0.08 -12.52
C ALA A 250 0.02 -0.18 -13.31
N GLY A 251 0.65 0.97 -13.54
CA GLY A 251 1.94 0.99 -14.20
C GLY A 251 3.05 0.88 -13.16
N PRO A 252 4.29 0.95 -13.61
CA PRO A 252 5.43 0.76 -12.70
C PRO A 252 5.47 1.85 -11.62
N HIS A 253 5.65 1.41 -10.37
CA HIS A 253 5.70 2.28 -9.20
C HIS A 253 4.50 3.22 -9.06
N ALA A 254 3.33 2.81 -9.56
CA ALA A 254 2.14 3.62 -9.40
C ALA A 254 1.82 3.80 -7.95
N GLN A 255 1.24 4.94 -7.63
CA GLN A 255 0.63 5.17 -6.33
C GLN A 255 -0.84 4.80 -6.43
N LEU A 256 -1.31 4.01 -5.48
N LEU A 256 -1.26 3.96 -5.49
CA LEU A 256 -2.72 3.62 -5.46
CA LEU A 256 -2.64 3.57 -5.34
C LEU A 256 -3.37 4.01 -4.15
C LEU A 256 -3.16 4.22 -4.08
N ALA A 257 -4.17 5.08 -4.21
CA ALA A 257 -4.84 5.62 -3.03
C ALA A 257 -6.22 5.00 -2.88
N LEU A 258 -6.45 4.42 -1.71
CA LEU A 258 -7.69 3.70 -1.45
C LEU A 258 -8.59 4.62 -0.67
N VAL A 259 -9.71 5.06 -1.24
N VAL A 259 -9.72 4.98 -1.29
CA VAL A 259 -10.61 5.90 -0.46
CA VAL A 259 -10.63 5.95 -0.73
C VAL A 259 -11.99 5.27 -0.32
C VAL A 259 -11.91 5.23 -0.32
N GLY A 260 -12.29 4.24 -1.12
CA GLY A 260 -13.53 3.53 -0.95
C GLY A 260 -13.44 2.38 0.03
N THR A 261 -14.37 2.34 0.98
N THR A 261 -14.35 2.36 1.00
CA THR A 261 -14.38 1.28 1.99
CA THR A 261 -14.38 1.26 1.95
C THR A 261 -15.18 0.07 1.49
C THR A 261 -15.08 0.07 1.34
N LEU A 262 -14.62 -1.13 1.68
CA LEU A 262 -15.24 -2.35 1.16
C LEU A 262 -16.30 -2.90 2.10
N HIS A 263 -17.34 -3.49 1.54
CA HIS A 263 -18.38 -4.11 2.36
C HIS A 263 -18.46 -5.59 2.03
N GLN A 264 -17.60 -6.03 1.12
CA GLN A 264 -17.40 -7.45 0.87
C GLN A 264 -15.90 -7.75 1.00
N ASP A 265 -15.58 -9.02 1.23
CA ASP A 265 -14.19 -9.44 1.32
C ASP A 265 -13.45 -9.21 0.02
N LEU A 266 -12.13 -9.08 0.13
CA LEU A 266 -11.28 -8.95 -1.03
C LEU A 266 -10.48 -10.22 -1.20
N HIS A 267 -10.70 -10.95 -2.30
CA HIS A 267 -9.86 -12.10 -2.62
C HIS A 267 -8.92 -11.71 -3.74
N LEU A 268 -7.62 -11.70 -3.47
CA LEU A 268 -6.66 -11.45 -4.52
C LEU A 268 -5.94 -12.75 -4.85
N THR A 269 -5.86 -13.07 -6.13
CA THR A 269 -5.03 -14.20 -6.54
C THR A 269 -3.58 -13.89 -6.17
N SER A 270 -2.78 -14.94 -6.06
CA SER A 270 -1.36 -14.74 -5.77
C SER A 270 -0.72 -13.92 -6.90
N ALA A 271 -1.25 -14.09 -8.11
CA ALA A 271 -0.78 -13.34 -9.26
C ALA A 271 -1.02 -11.85 -9.05
N THR A 272 -2.25 -11.48 -8.69
CA THR A 272 -2.57 -10.07 -8.48
C THR A 272 -1.80 -9.51 -7.30
N PHE A 273 -1.74 -10.26 -6.20
CA PHE A 273 -0.96 -9.81 -5.05
C PHE A 273 0.49 -9.59 -5.48
N GLY A 274 1.01 -10.54 -6.24
CA GLY A 274 2.38 -10.48 -6.73
C GLY A 274 2.68 -9.22 -7.52
N LYS A 275 1.68 -8.69 -8.22
CA LYS A 275 1.88 -7.48 -9.00
C LYS A 275 2.10 -6.28 -8.11
N ILE A 276 1.53 -6.29 -6.90
CA ILE A 276 1.82 -5.19 -5.98
C ILE A 276 3.32 -5.13 -5.74
N LEU A 277 3.92 -6.31 -5.52
CA LEU A 277 5.37 -6.40 -5.35
C LEU A 277 6.11 -6.11 -6.65
N ARG A 278 5.77 -6.84 -7.70
CA ARG A 278 6.51 -6.75 -8.96
C ARG A 278 6.51 -5.35 -9.58
N LYS A 279 5.39 -4.66 -9.48
CA LYS A 279 5.30 -3.29 -9.98
C LYS A 279 5.83 -2.29 -8.96
N GLU A 280 6.16 -2.78 -7.77
CA GLU A 280 6.55 -1.92 -6.66
C GLU A 280 5.56 -0.77 -6.46
N LEU A 281 4.29 -1.13 -6.34
CA LEU A 281 3.25 -0.15 -6.09
C LEU A 281 3.40 0.40 -4.68
N THR A 282 2.88 1.60 -4.49
CA THR A 282 2.68 2.15 -3.15
C THR A 282 1.18 2.29 -2.95
N VAL A 283 0.64 1.55 -2.00
CA VAL A 283 -0.79 1.56 -1.75
C VAL A 283 -0.99 2.42 -0.50
N ILE A 284 -1.82 3.45 -0.64
CA ILE A 284 -1.98 4.50 0.35
C ILE A 284 -3.39 4.44 0.89
N GLY A 285 -3.53 4.06 2.16
CA GLY A 285 -4.86 4.07 2.76
C GLY A 285 -5.20 5.51 3.07
N SER A 286 -6.42 5.89 2.71
CA SER A 286 -6.86 7.25 2.97
C SER A 286 -8.10 7.16 3.82
N TRP A 287 -8.17 7.98 4.86
CA TRP A 287 -9.32 7.89 5.75
C TRP A 287 -9.75 9.27 6.10
N MET A 288 -11.02 9.54 5.80
N MET A 288 -11.02 9.53 5.81
CA MET A 288 -11.64 10.83 6.02
CA MET A 288 -11.63 10.82 6.06
C MET A 288 -10.92 11.94 5.26
C MET A 288 -10.93 11.93 5.27
N ASN A 289 -10.78 13.10 5.88
CA ASN A 289 -10.35 14.25 5.11
C ASN A 289 -9.79 15.42 5.91
N TYR A 290 -8.87 15.13 6.82
CA TYR A 290 -8.38 16.14 7.73
C TYR A 290 -6.88 16.09 7.85
N SER A 291 -6.32 17.25 8.17
CA SER A 291 -4.90 17.36 8.45
C SER A 291 -4.69 18.60 9.31
N SER A 292 -3.45 18.78 9.76
N SER A 292 -3.45 18.77 9.75
CA SER A 292 -3.11 19.90 10.63
CA SER A 292 -3.12 19.89 10.63
C SER A 292 -2.56 21.07 9.82
C SER A 292 -2.58 21.07 9.82
N PRO A 293 -2.93 22.31 10.20
CA PRO A 293 -3.81 22.62 11.34
C PRO A 293 -5.28 22.41 11.04
N TRP A 294 -6.02 21.91 12.03
CA TRP A 294 -7.46 21.61 11.91
C TRP A 294 -8.27 22.72 11.25
N PRO A 295 -9.15 22.37 10.29
CA PRO A 295 -9.43 21.02 9.77
C PRO A 295 -8.47 20.55 8.68
N GLY A 296 -7.59 21.44 8.21
CA GLY A 296 -6.56 21.02 7.28
C GLY A 296 -6.57 21.80 6.00
N GLN A 297 -5.43 21.80 5.31
CA GLN A 297 -5.31 22.55 4.07
C GLN A 297 -6.33 22.10 3.03
N GLU A 298 -6.79 20.85 3.12
CA GLU A 298 -7.79 20.34 2.18
C GLU A 298 -9.01 21.24 2.12
N TRP A 299 -9.44 21.71 3.29
CA TRP A 299 -10.64 22.53 3.41
C TRP A 299 -10.45 23.91 2.77
N GLU A 300 -9.31 24.55 3.06
CA GLU A 300 -8.98 25.82 2.40
C GLU A 300 -8.85 25.66 0.91
N THR A 301 -8.17 24.59 0.48
CA THR A 301 -8.04 24.34 -0.96
C THR A 301 -9.40 24.17 -1.64
N ALA A 302 -10.31 23.42 -0.99
CA ALA A 302 -11.62 23.16 -1.58
C ALA A 302 -12.36 24.46 -1.77
N SER A 303 -12.31 25.29 -0.75
CA SER A 303 -12.97 26.58 -0.81
C SER A 303 -12.39 27.43 -1.94
N ARG A 304 -11.06 27.42 -2.04
CA ARG A 304 -10.42 28.27 -3.04
C ARG A 304 -10.70 27.80 -4.46
N LEU A 305 -10.63 26.49 -4.70
CA LEU A 305 -10.91 25.96 -6.03
C LEU A 305 -12.34 26.31 -6.44
N LEU A 306 -13.27 26.25 -5.50
CA LEU A 306 -14.65 26.63 -5.77
C LEU A 306 -14.74 28.10 -6.14
N THR A 307 -14.09 28.95 -5.36
CA THR A 307 -14.21 30.37 -5.59
C THR A 307 -13.56 30.75 -6.91
N GLU A 308 -12.53 30.00 -7.30
CA GLU A 308 -11.82 30.28 -8.54
C GLU A 308 -12.51 29.69 -9.75
N ARG A 309 -13.68 29.07 -9.55
CA ARG A 309 -14.45 28.51 -10.65
C ARG A 309 -13.74 27.34 -11.32
N LYS A 310 -12.93 26.63 -10.56
CA LYS A 310 -12.21 25.50 -11.12
C LYS A 310 -13.00 24.21 -10.96
N LEU A 311 -14.06 24.27 -10.16
CA LEU A 311 -14.90 23.11 -9.92
C LEU A 311 -16.30 23.39 -10.45
N SER A 312 -16.98 22.34 -10.91
CA SER A 312 -18.33 22.49 -11.41
C SER A 312 -19.28 21.57 -10.67
N LEU A 313 -20.23 22.13 -9.92
CA LEU A 313 -21.09 21.32 -9.06
C LEU A 313 -22.45 21.01 -9.67
N GLU A 314 -23.02 21.98 -10.40
CA GLU A 314 -24.36 21.79 -10.93
C GLU A 314 -24.59 20.44 -11.66
N PRO A 315 -23.64 20.02 -12.52
CA PRO A 315 -23.92 18.76 -13.24
C PRO A 315 -23.98 17.55 -12.34
N LEU A 316 -23.44 17.67 -11.12
CA LEU A 316 -23.39 16.55 -10.19
C LEU A 316 -24.72 16.28 -9.52
N ILE A 317 -25.61 17.28 -9.54
CA ILE A 317 -26.82 17.21 -8.73
C ILE A 317 -27.96 16.54 -9.47
N ALA A 318 -28.49 15.47 -8.86
CA ALA A 318 -29.58 14.72 -9.46
C ALA A 318 -30.92 15.12 -8.87
N HIS A 319 -30.91 15.62 -7.64
CA HIS A 319 -32.15 15.95 -6.96
C HIS A 319 -31.99 17.11 -5.99
N ARG A 320 -32.93 18.05 -6.07
CA ARG A 320 -33.09 19.09 -5.07
C ARG A 320 -34.50 18.99 -4.54
N GLY A 321 -34.64 19.02 -3.22
CA GLY A 321 -35.96 18.99 -2.64
C GLY A 321 -35.96 19.21 -1.14
N SER A 322 -37.12 19.57 -0.59
CA SER A 322 -37.26 19.66 0.85
C SER A 322 -37.58 18.27 1.40
N PHE A 323 -38.02 18.20 2.65
CA PHE A 323 -37.96 16.95 3.41
C PHE A 323 -38.71 15.78 2.79
N GLU A 324 -39.97 15.97 2.42
CA GLU A 324 -40.73 14.88 1.83
C GLU A 324 -40.14 14.45 0.48
N SER A 325 -39.83 15.44 -0.36
CA SER A 325 -39.26 15.19 -1.67
C SER A 325 -37.95 14.43 -1.53
N PHE A 326 -37.12 14.88 -0.60
CA PHE A 326 -35.82 14.28 -0.36
C PHE A 326 -35.98 12.85 0.16
N ALA A 327 -36.89 12.68 1.11
CA ALA A 327 -37.12 11.36 1.70
C ALA A 327 -37.52 10.34 0.64
N GLN A 328 -38.40 10.72 -0.27
CA GLN A 328 -38.84 9.79 -1.31
C GLN A 328 -37.70 9.49 -2.30
N ALA A 329 -36.89 10.49 -2.60
CA ALA A 329 -35.73 10.31 -3.47
C ALA A 329 -34.78 9.30 -2.87
N VAL A 330 -34.54 9.41 -1.57
CA VAL A 330 -33.74 8.43 -0.84
C VAL A 330 -34.34 7.04 -0.95
N ARG A 331 -35.65 6.94 -0.70
CA ARG A 331 -36.36 5.68 -0.81
C ARG A 331 -36.25 5.11 -2.22
N ASP A 332 -36.31 5.96 -3.24
CA ASP A 332 -36.26 5.51 -4.62
C ASP A 332 -34.91 4.91 -4.98
N ILE A 333 -33.89 5.25 -4.19
CA ILE A 333 -32.56 4.68 -4.41
C ILE A 333 -32.58 3.18 -4.17
N ALA A 334 -33.37 2.75 -3.19
CA ALA A 334 -33.31 1.39 -2.68
C ALA A 334 -31.84 1.06 -2.43
N ARG A 335 -31.33 0.03 -3.08
CA ARG A 335 -29.89 -0.13 -3.16
C ARG A 335 -29.42 -0.49 -4.55
N ASN A 336 -29.77 0.36 -5.50
CA ASN A 336 -29.19 0.30 -6.81
C ASN A 336 -28.08 1.34 -6.85
N ALA A 337 -27.65 1.75 -8.04
CA ALA A 337 -26.60 2.75 -8.13
C ALA A 337 -27.11 4.13 -7.74
N MET A 338 -26.24 4.91 -7.11
CA MET A 338 -26.55 6.32 -6.83
C MET A 338 -26.66 7.05 -8.17
N PRO A 339 -27.76 7.80 -8.37
CA PRO A 339 -27.98 8.53 -9.61
C PRO A 339 -27.07 9.76 -9.76
N GLY A 340 -26.81 10.42 -8.64
CA GLY A 340 -26.07 11.66 -8.61
C GLY A 340 -26.29 12.22 -7.21
N LYS A 341 -25.83 13.44 -6.96
CA LYS A 341 -25.98 14.03 -5.63
C LYS A 341 -27.43 14.37 -5.36
N VAL A 342 -27.98 13.75 -4.33
CA VAL A 342 -29.32 14.08 -3.86
C VAL A 342 -29.20 15.10 -2.73
N LEU A 343 -29.72 16.30 -2.94
CA LEU A 343 -29.63 17.35 -1.93
C LEU A 343 -30.94 17.57 -1.21
N LEU A 344 -30.85 17.66 0.11
CA LEU A 344 -31.95 18.18 0.91
C LEU A 344 -31.81 19.69 0.98
N ILE A 345 -32.87 20.39 0.57
CA ILE A 345 -32.93 21.83 0.64
C ILE A 345 -34.12 22.24 1.53
N PRO A 346 -33.86 22.44 2.83
CA PRO A 346 -34.91 22.75 3.83
C PRO A 346 -35.78 23.96 3.45
N MET B 1 31.43 -31.51 -14.82
CA MET B 1 31.16 -30.83 -13.56
C MET B 1 29.79 -31.21 -13.01
N LYS B 2 29.63 -31.02 -11.70
CA LYS B 2 28.38 -31.37 -11.04
C LYS B 2 27.46 -30.17 -10.95
N SER B 3 26.17 -30.46 -10.83
CA SER B 3 25.20 -29.41 -10.53
C SER B 3 23.98 -30.06 -9.91
N VAL B 4 23.12 -29.26 -9.30
CA VAL B 4 21.90 -29.78 -8.75
C VAL B 4 20.77 -29.38 -9.68
N VAL B 5 20.03 -30.36 -10.16
CA VAL B 5 18.99 -30.08 -11.13
C VAL B 5 17.67 -30.62 -10.60
N ASN B 6 16.68 -29.76 -10.45
CA ASN B 6 15.40 -30.22 -9.96
C ASN B 6 14.40 -30.31 -11.10
N ASP B 7 13.48 -31.23 -10.95
CA ASP B 7 12.62 -31.61 -12.05
C ASP B 7 11.18 -31.54 -11.60
N THR B 8 10.26 -31.78 -12.53
CA THR B 8 8.83 -31.91 -12.24
C THR B 8 8.61 -32.82 -11.03
N ASP B 9 7.42 -32.79 -10.47
CA ASP B 9 7.06 -33.48 -9.21
C ASP B 9 8.17 -33.55 -8.15
N GLY B 10 8.98 -32.49 -8.05
CA GLY B 10 9.86 -32.31 -6.90
C GLY B 10 11.05 -33.23 -6.77
N ILE B 11 11.58 -33.71 -7.89
CA ILE B 11 12.76 -34.55 -7.85
C ILE B 11 14.00 -33.69 -7.88
N VAL B 12 14.93 -33.97 -6.97
CA VAL B 12 16.19 -33.24 -6.89
C VAL B 12 17.34 -34.19 -7.25
N ARG B 13 18.02 -33.91 -8.37
CA ARG B 13 19.09 -34.77 -8.83
C ARG B 13 20.44 -34.06 -8.79
N VAL B 14 21.51 -34.85 -8.66
CA VAL B 14 22.84 -34.32 -8.92
C VAL B 14 23.26 -34.80 -10.31
N ALA B 15 23.54 -33.85 -11.18
CA ALA B 15 23.82 -34.13 -12.58
C ALA B 15 25.28 -33.86 -12.95
N GLU B 16 25.72 -34.49 -14.03
CA GLU B 16 27.04 -34.28 -14.60
C GLU B 16 26.88 -33.61 -15.96
N SER B 17 27.66 -32.57 -16.21
CA SER B 17 27.58 -31.89 -17.50
C SER B 17 28.91 -31.20 -17.82
N VAL B 18 29.06 -30.72 -19.05
CA VAL B 18 30.30 -30.10 -19.45
C VAL B 18 30.40 -28.71 -18.84
N ILE B 19 31.60 -28.31 -18.42
CA ILE B 19 31.85 -26.95 -17.95
C ILE B 19 31.45 -25.93 -19.03
N PRO B 20 30.67 -24.90 -18.67
CA PRO B 20 30.22 -23.94 -19.68
C PRO B 20 31.34 -23.05 -20.21
N GLU B 21 31.29 -22.71 -21.48
CA GLU B 21 32.33 -21.87 -22.07
C GLU B 21 31.87 -20.44 -22.19
N ILE B 22 32.83 -19.52 -22.13
CA ILE B 22 32.54 -18.11 -22.34
C ILE B 22 32.27 -17.92 -23.81
N LYS B 23 31.13 -17.34 -24.15
CA LYS B 23 30.73 -17.28 -25.55
C LYS B 23 30.69 -15.86 -26.08
N HIS B 24 30.70 -14.90 -25.16
CA HIS B 24 30.64 -13.49 -25.52
C HIS B 24 31.68 -12.65 -24.78
N GLN B 25 32.09 -11.55 -25.40
CA GLN B 25 33.21 -10.77 -24.90
C GLN B 25 32.93 -10.18 -23.53
N ASP B 26 31.66 -10.05 -23.15
CA ASP B 26 31.32 -9.42 -21.89
C ASP B 26 30.89 -10.41 -20.83
N GLU B 27 31.23 -11.69 -21.03
CA GLU B 27 30.90 -12.71 -20.04
C GLU B 27 32.09 -13.05 -19.16
N VAL B 28 31.80 -13.65 -18.01
CA VAL B 28 32.84 -14.20 -17.14
C VAL B 28 32.40 -15.58 -16.73
N ARG B 29 33.35 -16.42 -16.34
CA ARG B 29 33.02 -17.71 -15.76
C ARG B 29 33.40 -17.68 -14.29
N VAL B 30 32.51 -18.18 -13.45
CA VAL B 30 32.74 -18.17 -12.00
C VAL B 30 32.84 -19.60 -11.48
N LYS B 31 33.88 -19.89 -10.74
CA LYS B 31 33.93 -21.18 -10.07
C LYS B 31 33.31 -20.97 -8.70
N ILE B 32 32.20 -21.65 -8.45
CA ILE B 32 31.35 -21.29 -7.33
C ILE B 32 31.90 -21.87 -6.02
N ALA B 33 31.95 -21.03 -5.00
CA ALA B 33 32.55 -21.40 -3.71
C ALA B 33 31.49 -21.71 -2.67
N SER B 34 30.36 -21.00 -2.76
CA SER B 34 29.35 -21.03 -1.72
C SER B 34 28.05 -20.57 -2.34
N SER B 35 26.99 -21.35 -2.17
CA SER B 35 25.78 -21.12 -2.93
C SER B 35 24.57 -21.51 -2.09
N GLY B 36 23.73 -20.53 -1.78
CA GLY B 36 22.66 -20.73 -0.83
C GLY B 36 21.27 -21.00 -1.40
N LEU B 37 20.50 -21.76 -0.65
CA LEU B 37 19.10 -21.97 -0.98
C LEU B 37 18.19 -20.89 -0.38
N CYS B 38 17.44 -20.21 -1.24
CA CYS B 38 16.49 -19.17 -0.83
C CYS B 38 15.17 -19.80 -0.43
N GLY B 39 14.46 -19.18 0.51
CA GLY B 39 13.12 -19.60 0.85
C GLY B 39 12.25 -19.64 -0.39
N SER B 40 12.49 -18.69 -1.30
CA SER B 40 11.73 -18.60 -2.54
C SER B 40 11.99 -19.78 -3.46
N ASP B 41 13.06 -20.54 -3.21
CA ASP B 41 13.38 -21.70 -4.04
C ASP B 41 12.49 -22.89 -3.69
N LEU B 42 11.99 -22.95 -2.47
CA LEU B 42 11.21 -24.13 -2.08
C LEU B 42 9.94 -24.31 -2.92
N PRO B 43 9.18 -23.22 -3.18
CA PRO B 43 8.06 -23.42 -4.11
C PRO B 43 8.50 -23.79 -5.53
N ARG B 44 9.67 -23.30 -5.95
CA ARG B 44 10.18 -23.63 -7.28
C ARG B 44 10.48 -25.12 -7.39
N ILE B 45 10.91 -25.71 -6.28
CA ILE B 45 11.24 -27.13 -6.26
C ILE B 45 10.02 -28.01 -5.99
N PHE B 46 9.23 -27.66 -4.97
CA PHE B 46 8.20 -28.58 -4.49
C PHE B 46 6.76 -28.15 -4.77
N LYS B 47 6.57 -27.11 -5.57
CA LYS B 47 5.23 -26.62 -5.84
C LYS B 47 5.00 -26.14 -7.26
N ASN B 48 5.74 -26.72 -8.20
CA ASN B 48 5.58 -26.37 -9.61
C ASN B 48 5.76 -24.86 -9.82
N GLY B 49 6.65 -24.28 -9.01
CA GLY B 49 6.84 -22.84 -9.02
C GLY B 49 7.85 -22.32 -10.02
N ALA B 50 8.63 -23.21 -10.63
CA ALA B 50 9.69 -22.78 -11.54
C ALA B 50 9.15 -22.44 -12.92
N HIS B 51 9.88 -21.61 -13.66
CA HIS B 51 9.48 -21.22 -15.01
C HIS B 51 9.54 -22.39 -15.98
N TYR B 52 10.40 -23.36 -15.68
CA TYR B 52 10.56 -24.54 -16.51
C TYR B 52 11.25 -25.65 -15.72
N TYR B 53 11.15 -26.87 -16.23
CA TYR B 53 11.86 -28.03 -15.69
C TYR B 53 12.41 -28.88 -16.84
N PRO B 54 13.56 -29.52 -16.65
CA PRO B 54 14.44 -29.47 -15.47
C PRO B 54 15.14 -28.12 -15.35
N ILE B 55 15.49 -27.73 -14.13
CA ILE B 55 16.10 -26.43 -13.92
C ILE B 55 17.20 -26.51 -12.88
N THR B 56 18.21 -25.66 -13.01
CA THR B 56 19.22 -25.51 -11.98
C THR B 56 19.02 -24.17 -11.31
N LEU B 57 18.70 -24.22 -10.03
CA LEU B 57 18.43 -23.00 -9.30
C LEU B 57 19.72 -22.43 -8.70
N GLY B 58 19.57 -21.39 -7.90
CA GLY B 58 20.70 -20.81 -7.18
C GLY B 58 20.97 -19.37 -7.58
N HIS B 59 20.58 -18.42 -6.73
CA HIS B 59 20.85 -17.02 -7.03
C HIS B 59 21.51 -16.29 -5.85
N GLU B 60 21.98 -17.06 -4.89
CA GLU B 60 22.67 -16.52 -3.72
C GLU B 60 24.04 -17.14 -3.62
N PHE B 61 25.00 -16.66 -4.41
CA PHE B 61 26.26 -17.37 -4.42
C PHE B 61 27.47 -16.48 -4.64
N SER B 62 28.62 -17.02 -4.24
CA SER B 62 29.87 -16.35 -4.42
C SER B 62 30.86 -17.34 -4.97
N GLY B 63 31.96 -16.82 -5.49
CA GLY B 63 32.97 -17.68 -6.10
C GLY B 63 34.13 -16.86 -6.61
N TYR B 64 35.03 -17.48 -7.35
CA TYR B 64 36.18 -16.76 -7.90
C TYR B 64 36.10 -16.78 -9.40
N ILE B 65 36.49 -15.67 -10.01
CA ILE B 65 36.55 -15.61 -11.45
C ILE B 65 37.51 -16.67 -11.97
N ASP B 66 37.02 -17.49 -12.90
CA ASP B 66 37.81 -18.57 -13.49
C ASP B 66 38.41 -18.13 -14.81
N ALA B 67 37.64 -17.32 -15.54
CA ALA B 67 38.02 -16.82 -16.84
C ALA B 67 37.18 -15.59 -17.17
N VAL B 68 37.68 -14.73 -18.04
CA VAL B 68 36.91 -13.57 -18.46
C VAL B 68 36.89 -13.45 -19.99
N GLY B 69 35.83 -12.85 -20.50
CA GLY B 69 35.71 -12.60 -21.92
C GLY B 69 36.66 -11.52 -22.35
N SER B 70 36.92 -11.44 -23.65
CA SER B 70 37.92 -10.54 -24.19
C SER B 70 37.58 -9.07 -23.92
N GLY B 71 36.31 -8.79 -23.63
CA GLY B 71 35.88 -7.43 -23.41
C GLY B 71 35.86 -7.00 -21.96
N VAL B 72 36.19 -7.92 -21.06
CA VAL B 72 36.18 -7.63 -19.62
C VAL B 72 37.56 -7.15 -19.18
N ASP B 73 37.65 -5.89 -18.76
CA ASP B 73 38.95 -5.31 -18.42
C ASP B 73 39.12 -5.02 -16.92
N ASP B 74 38.06 -5.16 -16.14
CA ASP B 74 38.11 -4.74 -14.74
C ASP B 74 37.96 -5.91 -13.77
N LEU B 75 37.88 -7.12 -14.30
CA LEU B 75 37.89 -8.33 -13.47
C LEU B 75 38.88 -9.33 -14.03
N HIS B 76 39.39 -10.17 -13.14
CA HIS B 76 40.50 -11.05 -13.48
C HIS B 76 40.35 -12.41 -12.80
N PRO B 77 40.92 -13.46 -13.41
CA PRO B 77 40.93 -14.78 -12.79
C PRO B 77 41.42 -14.73 -11.36
N GLY B 78 40.66 -15.34 -10.46
CA GLY B 78 41.01 -15.32 -9.05
C GLY B 78 40.28 -14.25 -8.25
N ASP B 79 39.66 -13.29 -8.92
CA ASP B 79 38.89 -12.26 -8.21
C ASP B 79 37.67 -12.86 -7.50
N ALA B 80 37.45 -12.43 -6.26
CA ALA B 80 36.26 -12.89 -5.52
C ALA B 80 35.05 -12.06 -5.91
N VAL B 81 33.93 -12.74 -6.18
CA VAL B 81 32.70 -12.06 -6.57
C VAL B 81 31.45 -12.69 -5.93
N ALA B 82 30.40 -11.89 -5.78
CA ALA B 82 29.06 -12.44 -5.57
C ALA B 82 28.24 -12.29 -6.84
N CYS B 83 27.27 -13.17 -7.04
CA CYS B 83 26.39 -13.06 -8.18
C CYS B 83 25.32 -11.98 -7.99
N VAL B 84 25.16 -11.17 -9.03
CA VAL B 84 24.06 -10.22 -9.16
C VAL B 84 23.11 -10.87 -10.15
N PRO B 85 22.04 -11.52 -9.66
CA PRO B 85 21.39 -12.49 -10.53
C PRO B 85 20.45 -11.90 -11.57
N LEU B 86 19.97 -10.68 -11.34
CA LEU B 86 19.08 -10.06 -12.31
C LEU B 86 19.89 -9.52 -13.48
N LEU B 87 19.43 -9.76 -14.70
CA LEU B 87 20.00 -9.07 -15.85
C LEU B 87 18.90 -8.31 -16.58
N PRO B 88 18.75 -7.01 -16.28
CA PRO B 88 17.81 -6.20 -17.06
C PRO B 88 18.38 -5.87 -18.44
N CYS B 89 17.55 -5.34 -19.32
CA CYS B 89 17.99 -5.06 -20.69
C CYS B 89 18.74 -3.73 -20.81
N PHE B 90 18.54 -2.86 -19.83
CA PHE B 90 19.15 -1.52 -19.77
C PHE B 90 18.77 -0.57 -20.92
N THR B 91 17.76 -0.92 -21.72
CA THR B 91 17.37 -0.05 -22.83
C THR B 91 15.88 0.24 -22.93
N CYS B 92 15.07 -0.36 -22.07
CA CYS B 92 13.64 -0.05 -22.08
C CYS B 92 13.37 1.18 -21.20
N PRO B 93 12.17 1.76 -21.29
CA PRO B 93 11.91 2.97 -20.50
C PRO B 93 12.01 2.73 -19.00
N GLU B 94 11.54 1.58 -18.53
CA GLU B 94 11.69 1.23 -17.13
C GLU B 94 13.15 1.23 -16.72
N CYS B 95 14.01 0.59 -17.52
CA CYS B 95 15.45 0.52 -17.18
C CYS B 95 16.10 1.90 -17.18
N LEU B 96 15.73 2.74 -18.16
CA LEU B 96 16.29 4.07 -18.27
C LEU B 96 15.90 4.95 -17.09
N LYS B 97 14.85 4.55 -16.39
CA LYS B 97 14.42 5.27 -15.19
C LYS B 97 15.01 4.67 -13.93
N GLY B 98 15.79 3.60 -14.08
CA GLY B 98 16.34 2.92 -12.93
C GLY B 98 15.40 1.91 -12.33
N PHE B 99 14.29 1.64 -13.00
CA PHE B 99 13.32 0.64 -12.52
C PHE B 99 13.69 -0.75 -13.04
N TYR B 100 14.86 -1.25 -12.66
CA TYR B 100 15.40 -2.48 -13.24
C TYR B 100 14.51 -3.70 -12.99
N SER B 101 13.86 -3.74 -11.83
CA SER B 101 13.03 -4.88 -11.46
C SER B 101 11.69 -4.86 -12.21
N GLN B 102 11.42 -3.78 -12.95
CA GLN B 102 10.23 -3.72 -13.77
C GLN B 102 10.60 -3.82 -15.25
N CYS B 103 11.85 -4.22 -15.52
CA CYS B 103 12.32 -4.37 -16.90
C CYS B 103 11.42 -5.32 -17.66
N ALA B 104 11.07 -4.93 -18.88
CA ALA B 104 10.14 -5.70 -19.70
C ALA B 104 10.81 -6.87 -20.42
N LYS B 105 12.07 -7.16 -20.07
CA LYS B 105 12.82 -8.20 -20.76
C LYS B 105 14.06 -8.53 -19.90
N TYR B 106 13.85 -8.96 -18.67
CA TYR B 106 15.00 -9.24 -17.80
C TYR B 106 15.24 -10.73 -17.69
N ASP B 107 16.51 -11.09 -17.47
CA ASP B 107 16.86 -12.47 -17.19
C ASP B 107 17.10 -12.56 -15.70
N PHE B 108 17.09 -13.77 -15.17
CA PHE B 108 17.34 -13.95 -13.75
C PHE B 108 18.03 -15.28 -13.51
N ILE B 109 19.26 -15.19 -13.02
CA ILE B 109 20.07 -16.37 -12.75
C ILE B 109 19.44 -17.18 -11.62
N GLY B 110 19.14 -18.45 -11.90
CA GLY B 110 18.45 -19.28 -10.94
C GLY B 110 16.92 -19.19 -10.92
N SER B 111 16.33 -18.58 -11.96
CA SER B 111 14.88 -18.58 -12.08
C SER B 111 14.45 -18.60 -13.53
N ARG B 112 14.93 -17.63 -14.31
CA ARG B 112 14.60 -17.54 -15.73
C ARG B 112 15.67 -18.21 -16.59
N ARG B 113 16.87 -18.35 -16.03
CA ARG B 113 17.92 -19.19 -16.61
C ARG B 113 18.57 -20.00 -15.49
N ASP B 114 19.36 -20.99 -15.86
CA ASP B 114 20.00 -21.85 -14.87
C ASP B 114 20.96 -21.07 -13.98
N GLY B 115 21.05 -21.50 -12.72
CA GLY B 115 21.77 -20.74 -11.72
C GLY B 115 22.94 -21.44 -11.07
N GLY B 116 23.23 -21.02 -9.85
CA GLY B 116 24.49 -21.30 -9.21
C GLY B 116 24.61 -22.54 -8.33
N PHE B 117 23.64 -23.45 -8.40
CA PHE B 117 23.84 -24.76 -7.78
C PHE B 117 24.66 -25.62 -8.72
N ALA B 118 25.90 -25.20 -8.95
CA ALA B 118 26.78 -25.83 -9.94
C ALA B 118 28.23 -25.50 -9.60
N GLU B 119 29.17 -26.27 -10.14
CA GLU B 119 30.58 -25.96 -9.91
C GLU B 119 31.05 -24.70 -10.62
N TYR B 120 30.59 -24.50 -11.84
CA TYR B 120 30.92 -23.31 -12.62
C TYR B 120 29.67 -22.74 -13.23
N ILE B 121 29.68 -21.43 -13.45
CA ILE B 121 28.62 -20.80 -14.21
C ILE B 121 29.21 -19.71 -15.09
N VAL B 122 28.65 -19.53 -16.27
CA VAL B 122 29.00 -18.38 -17.11
C VAL B 122 27.88 -17.35 -17.04
N VAL B 123 28.24 -16.12 -16.73
CA VAL B 123 27.28 -15.04 -16.59
C VAL B 123 27.83 -13.77 -17.24
N LYS B 124 27.00 -12.73 -17.36
CA LYS B 124 27.51 -11.44 -17.85
C LYS B 124 28.36 -10.76 -16.79
N ARG B 125 29.29 -9.92 -17.22
CA ARG B 125 30.04 -9.09 -16.28
C ARG B 125 29.12 -8.32 -15.32
N LYS B 126 27.98 -7.85 -15.85
CA LYS B 126 27.01 -7.11 -15.04
C LYS B 126 26.35 -7.99 -13.99
N ASN B 127 26.53 -9.29 -14.09
CA ASN B 127 25.97 -10.25 -13.13
C ASN B 127 26.96 -10.64 -12.01
N VAL B 128 28.08 -9.96 -11.89
CA VAL B 128 28.93 -10.21 -10.73
C VAL B 128 29.29 -8.90 -10.03
N PHE B 129 29.53 -9.01 -8.73
CA PHE B 129 29.83 -7.89 -7.86
C PHE B 129 31.10 -8.23 -7.11
N ALA B 130 32.15 -7.45 -7.32
CA ALA B 130 33.43 -7.73 -6.69
C ALA B 130 33.38 -7.61 -5.17
N LEU B 131 33.95 -8.59 -4.49
CA LEU B 131 33.99 -8.55 -3.02
C LEU B 131 35.29 -7.92 -2.54
N PRO B 132 35.28 -7.38 -1.32
CA PRO B 132 36.57 -6.97 -0.73
C PRO B 132 37.50 -8.16 -0.64
N THR B 133 38.79 -7.92 -0.77
CA THR B 133 39.76 -9.02 -0.83
C THR B 133 39.87 -9.75 0.51
N ASP B 134 39.55 -9.06 1.60
CA ASP B 134 39.62 -9.65 2.94
C ASP B 134 38.33 -10.31 3.39
N MET B 135 37.31 -10.31 2.53
CA MET B 135 36.05 -10.93 2.91
C MET B 135 36.10 -12.44 2.70
N PRO B 136 35.77 -13.21 3.75
CA PRO B 136 35.71 -14.66 3.61
C PRO B 136 34.74 -15.03 2.47
N ILE B 137 35.19 -15.85 1.54
CA ILE B 137 34.42 -16.05 0.30
C ILE B 137 33.00 -16.54 0.56
N GLU B 138 32.82 -17.35 1.59
CA GLU B 138 31.48 -17.88 1.90
C GLU B 138 30.51 -16.77 2.25
N ASP B 139 31.00 -15.70 2.86
CA ASP B 139 30.15 -14.59 3.26
C ASP B 139 29.48 -13.94 2.04
N GLY B 140 30.15 -14.03 0.90
CA GLY B 140 29.65 -13.43 -0.32
C GLY B 140 28.31 -13.98 -0.76
N ALA B 141 28.02 -15.22 -0.39
CA ALA B 141 26.73 -15.84 -0.75
C ALA B 141 25.56 -15.22 0.00
N PHE B 142 25.85 -14.34 0.95
CA PHE B 142 24.78 -13.70 1.72
C PHE B 142 24.50 -12.27 1.27
N ILE B 143 25.30 -11.75 0.35
CA ILE B 143 25.12 -10.36 -0.06
C ILE B 143 23.76 -10.16 -0.69
N GLU B 144 23.38 -11.05 -1.60
CA GLU B 144 22.12 -10.91 -2.29
C GLU B 144 20.93 -10.95 -1.33
N PRO B 145 20.90 -11.93 -0.39
CA PRO B 145 19.77 -11.88 0.54
C PRO B 145 19.77 -10.68 1.50
N ILE B 146 20.96 -10.17 1.85
CA ILE B 146 21.02 -8.93 2.64
C ILE B 146 20.37 -7.76 1.89
N THR B 147 20.69 -7.66 0.60
CA THR B 147 20.16 -6.55 -0.20
C THR B 147 18.64 -6.61 -0.36
N VAL B 148 18.03 -7.77 -0.14
CA VAL B 148 16.58 -7.87 -0.21
C VAL B 148 15.93 -6.97 0.86
N GLY B 149 16.37 -7.15 2.10
CA GLY B 149 15.92 -6.33 3.21
C GLY B 149 16.31 -4.87 3.06
N LEU B 150 17.54 -4.62 2.61
CA LEU B 150 18.00 -3.27 2.43
C LEU B 150 17.17 -2.54 1.37
N HIS B 151 16.78 -3.27 0.32
CA HIS B 151 15.96 -2.66 -0.74
C HIS B 151 14.62 -2.21 -0.18
N ALA B 152 14.01 -3.05 0.63
CA ALA B 152 12.75 -2.68 1.30
C ALA B 152 12.92 -1.46 2.19
N PHE B 153 13.99 -1.40 2.98
CA PHE B 153 14.27 -0.21 3.80
C PHE B 153 14.39 1.03 2.92
N HIS B 154 15.09 0.87 1.80
CA HIS B 154 15.32 1.96 0.87
C HIS B 154 14.01 2.52 0.34
N LEU B 155 13.13 1.62 -0.08
CA LEU B 155 11.80 2.03 -0.57
C LEU B 155 11.00 2.78 0.49
N ALA B 156 11.26 2.47 1.75
CA ALA B 156 10.54 3.07 2.86
C ALA B 156 11.20 4.34 3.35
N GLN B 157 12.22 4.80 2.63
CA GLN B 157 13.00 5.98 2.98
C GLN B 157 13.74 5.77 4.30
N GLY B 158 14.19 4.55 4.51
CA GLY B 158 15.09 4.25 5.59
C GLY B 158 14.42 3.70 6.82
N CYS B 159 15.21 3.12 7.71
CA CYS B 159 14.64 2.56 8.94
C CYS B 159 15.09 3.33 10.18
N GLU B 160 15.93 4.34 9.98
CA GLU B 160 16.50 5.09 11.10
C GLU B 160 15.43 5.77 11.97
N ASN B 161 15.53 5.54 13.28
CA ASN B 161 14.60 6.08 14.28
C ASN B 161 13.19 5.53 14.12
N LYS B 162 13.05 4.46 13.33
CA LYS B 162 11.75 3.84 13.18
C LYS B 162 11.58 2.61 14.08
N ASN B 163 10.33 2.31 14.38
CA ASN B 163 9.99 1.10 15.11
C ASN B 163 9.76 -0.02 14.11
N VAL B 164 10.79 -0.83 13.92
CA VAL B 164 10.81 -1.84 12.88
C VAL B 164 10.21 -3.14 13.40
N ILE B 165 9.31 -3.70 12.59
CA ILE B 165 8.75 -5.01 12.86
C ILE B 165 9.05 -5.95 11.70
N ILE B 166 9.79 -7.02 11.97
CA ILE B 166 10.10 -8.00 10.95
C ILE B 166 9.22 -9.23 11.13
N ILE B 167 8.42 -9.55 10.11
CA ILE B 167 7.53 -10.69 10.23
C ILE B 167 8.14 -11.80 9.38
N GLY B 168 8.50 -12.89 10.03
CA GLY B 168 9.19 -13.97 9.35
C GLY B 168 10.63 -13.99 9.82
N ALA B 169 11.04 -15.08 10.43
CA ALA B 169 12.41 -15.22 10.90
C ALA B 169 13.22 -16.24 10.09
N GLY B 170 12.98 -16.27 8.78
CA GLY B 170 13.83 -17.02 7.87
C GLY B 170 15.08 -16.19 7.63
N THR B 171 15.94 -16.61 6.70
CA THR B 171 17.22 -15.93 6.54
C THR B 171 17.08 -14.46 6.19
N ILE B 172 16.17 -14.13 5.27
N ILE B 172 16.18 -14.16 5.25
CA ILE B 172 16.04 -12.74 4.88
CA ILE B 172 15.90 -12.80 4.84
C ILE B 172 15.47 -11.90 6.03
C ILE B 172 15.51 -11.96 6.04
N GLY B 173 14.57 -12.46 6.82
CA GLY B 173 14.06 -11.76 8.00
C GLY B 173 15.13 -11.52 9.07
N LEU B 174 15.88 -12.56 9.38
CA LEU B 174 16.93 -12.42 10.39
C LEU B 174 18.00 -11.43 9.93
N LEU B 175 18.34 -11.45 8.63
CA LEU B 175 19.29 -10.48 8.11
C LEU B 175 18.73 -9.06 8.23
N ALA B 176 17.43 -8.90 7.93
CA ALA B 176 16.80 -7.58 8.01
C ALA B 176 16.79 -7.07 9.47
N ILE B 177 16.64 -7.98 10.41
CA ILE B 177 16.75 -7.58 11.82
C ILE B 177 18.14 -7.01 12.11
N GLN B 178 19.17 -7.74 11.70
CA GLN B 178 20.54 -7.28 11.89
C GLN B 178 20.80 -5.94 11.20
N CYS B 179 20.27 -5.76 10.01
CA CYS B 179 20.50 -4.51 9.27
C CYS B 179 19.78 -3.36 9.96
N ALA B 180 18.57 -3.63 10.43
CA ALA B 180 17.77 -2.59 11.07
C ALA B 180 18.46 -2.07 12.32
N VAL B 181 19.05 -2.99 13.07
CA VAL B 181 19.80 -2.63 14.27
C VAL B 181 21.02 -1.78 13.90
N ALA B 182 21.72 -2.23 12.86
CA ALA B 182 22.94 -1.57 12.43
C ALA B 182 22.69 -0.18 11.85
N LEU B 183 21.50 0.02 11.28
CA LEU B 183 21.16 1.25 10.58
C LEU B 183 20.39 2.23 11.46
N GLY B 184 20.25 1.91 12.74
CA GLY B 184 19.73 2.86 13.70
C GLY B 184 18.23 2.89 13.90
N ALA B 185 17.57 1.75 13.68
CA ALA B 185 16.16 1.63 14.05
C ALA B 185 15.99 1.95 15.53
N LYS B 186 14.86 2.55 15.86
CA LYS B 186 14.55 2.88 17.25
C LYS B 186 14.35 1.61 18.05
N SER B 187 13.66 0.66 17.43
CA SER B 187 13.40 -0.64 18.03
C SER B 187 13.25 -1.66 16.92
N VAL B 188 13.51 -2.92 17.24
CA VAL B 188 13.22 -4.00 16.30
C VAL B 188 12.47 -5.10 17.02
N THR B 189 11.33 -5.48 16.45
CA THR B 189 10.48 -6.53 16.96
C THR B 189 10.45 -7.63 15.92
N ALA B 190 10.56 -8.88 16.33
CA ALA B 190 10.49 -9.99 15.38
C ALA B 190 9.24 -10.83 15.66
N ILE B 191 8.60 -11.32 14.60
CA ILE B 191 7.42 -12.15 14.72
C ILE B 191 7.58 -13.42 13.87
N ASP B 192 7.33 -14.58 14.46
CA ASP B 192 7.47 -15.86 13.75
C ASP B 192 6.74 -16.96 14.51
N ILE B 193 6.62 -18.13 13.91
CA ILE B 193 6.05 -19.27 14.63
C ILE B 193 7.09 -20.05 15.45
N SER B 194 8.37 -19.79 15.16
CA SER B 194 9.46 -20.56 15.77
C SER B 194 10.14 -19.85 16.95
N SER B 195 10.03 -20.44 18.14
CA SER B 195 10.70 -19.88 19.32
C SER B 195 12.22 -19.88 19.15
N GLU B 196 12.74 -20.96 18.56
CA GLU B 196 14.11 -21.04 18.05
C GLU B 196 14.64 -19.81 17.39
N LYS B 197 13.96 -19.48 16.29
CA LYS B 197 14.41 -18.45 15.42
C LYS B 197 14.24 -17.13 16.15
N LEU B 198 13.23 -17.06 17.00
CA LEU B 198 12.96 -15.82 17.73
C LEU B 198 14.04 -15.58 18.81
N ALA B 199 14.59 -16.63 19.41
CA ALA B 199 15.72 -16.44 20.32
C ALA B 199 16.92 -15.89 19.55
N LEU B 200 17.17 -16.46 18.37
CA LEU B 200 18.15 -15.92 17.45
C LEU B 200 17.89 -14.44 17.15
N ALA B 201 16.64 -14.10 16.83
CA ALA B 201 16.27 -12.71 16.56
C ALA B 201 16.65 -11.80 17.73
N LYS B 202 16.39 -12.26 18.96
CA LYS B 202 16.79 -11.48 20.13
C LYS B 202 18.31 -11.34 20.20
N SER B 203 19.02 -12.41 19.88
N SER B 203 19.02 -12.41 19.90
CA SER B 203 20.49 -12.37 19.92
CA SER B 203 20.48 -12.35 19.91
C SER B 203 21.03 -11.40 18.87
C SER B 203 20.98 -11.32 18.93
N PHE B 204 20.24 -11.14 17.84
CA PHE B 204 20.63 -10.19 16.80
C PHE B 204 20.19 -8.77 17.12
N GLY B 205 19.56 -8.56 18.26
CA GLY B 205 19.15 -7.22 18.66
C GLY B 205 17.67 -6.89 18.69
N ALA B 206 16.81 -7.84 18.37
CA ALA B 206 15.37 -7.58 18.48
C ALA B 206 15.02 -7.48 19.96
N MET B 207 14.37 -6.39 20.34
CA MET B 207 14.12 -6.11 21.76
C MET B 207 12.90 -6.88 22.27
N GLN B 208 12.07 -7.34 21.35
CA GLN B 208 11.01 -8.27 21.71
C GLN B 208 10.62 -9.12 20.52
N THR B 209 10.01 -10.27 20.82
CA THR B 209 9.52 -11.17 19.79
C THR B 209 8.12 -11.63 20.13
N PHE B 210 7.31 -11.85 19.10
CA PHE B 210 5.99 -12.42 19.26
C PHE B 210 5.91 -13.75 18.51
N ASN B 211 5.53 -14.80 19.22
CA ASN B 211 5.30 -16.07 18.57
C ASN B 211 3.87 -16.13 18.06
N SER B 212 3.69 -16.08 16.74
CA SER B 212 2.33 -15.94 16.18
C SER B 212 1.51 -17.22 16.30
N SER B 213 2.13 -18.33 16.71
CA SER B 213 1.40 -19.55 16.94
C SER B 213 0.81 -19.55 18.35
N GLU B 214 1.21 -18.56 19.15
CA GLU B 214 0.82 -18.52 20.55
C GLU B 214 0.11 -17.21 20.90
N MET B 215 0.43 -16.14 20.18
CA MET B 215 -0.17 -14.83 20.41
C MET B 215 -1.08 -14.43 19.28
N SER B 216 -2.20 -13.81 19.62
CA SER B 216 -3.11 -13.28 18.61
C SER B 216 -2.69 -11.89 18.17
N ALA B 217 -3.21 -11.43 17.04
CA ALA B 217 -2.90 -10.08 16.58
C ALA B 217 -3.30 -9.02 17.63
N PRO B 218 -4.52 -9.11 18.23
CA PRO B 218 -4.81 -8.09 19.24
C PRO B 218 -3.83 -8.09 20.41
N GLN B 219 -3.38 -9.26 20.81
CA GLN B 219 -2.40 -9.36 21.89
C GLN B 219 -1.11 -8.67 21.48
N MET B 220 -0.67 -8.90 20.25
CA MET B 220 0.52 -8.23 19.75
C MET B 220 0.31 -6.72 19.70
N GLN B 221 -0.85 -6.29 19.20
CA GLN B 221 -1.08 -4.85 19.06
C GLN B 221 -1.09 -4.21 20.44
N SER B 222 -1.56 -4.94 21.44
CA SER B 222 -1.58 -4.43 22.80
C SER B 222 -0.16 -4.20 23.31
N VAL B 223 0.73 -5.14 23.04
CA VAL B 223 2.11 -4.99 23.47
C VAL B 223 2.78 -3.84 22.73
N LEU B 224 2.42 -3.70 21.46
CA LEU B 224 3.02 -2.68 20.61
C LEU B 224 2.53 -1.26 20.87
N ARG B 225 1.57 -1.08 21.79
CA ARG B 225 0.98 0.24 22.01
C ARG B 225 2.01 1.36 22.15
N GLU B 226 3.03 1.17 22.98
CA GLU B 226 4.04 2.20 23.22
C GLU B 226 4.87 2.50 21.97
N LEU B 227 4.92 1.54 21.05
CA LEU B 227 5.77 1.64 19.87
C LEU B 227 4.91 1.71 18.62
N ARG B 228 3.68 2.20 18.74
CA ARG B 228 2.75 2.11 17.62
C ARG B 228 3.02 3.15 16.54
N PHE B 229 3.77 4.20 16.87
CA PHE B 229 4.02 5.24 15.86
C PHE B 229 5.32 5.00 15.10
N ASN B 230 5.42 5.58 13.91
CA ASN B 230 6.59 5.49 13.06
C ASN B 230 7.08 4.04 12.85
N GLN B 231 6.12 3.14 12.65
CA GLN B 231 6.43 1.76 12.38
C GLN B 231 6.82 1.50 10.95
N LEU B 232 7.75 0.57 10.78
CA LEU B 232 8.07 0.02 9.48
C LEU B 232 8.02 -1.48 9.62
N ILE B 233 7.02 -2.08 8.98
CA ILE B 233 6.80 -3.51 9.08
C ILE B 233 7.26 -4.20 7.79
N LEU B 234 8.16 -5.16 7.90
CA LEU B 234 8.55 -5.95 6.73
C LEU B 234 7.91 -7.33 6.79
N GLU B 235 7.09 -7.62 5.80
CA GLU B 235 6.50 -8.94 5.66
C GLU B 235 7.45 -9.79 4.82
N THR B 236 8.16 -10.73 5.46
CA THR B 236 9.13 -11.55 4.72
C THR B 236 8.68 -13.00 4.58
N ALA B 237 7.62 -13.39 5.28
CA ALA B 237 7.22 -14.79 5.29
C ALA B 237 6.50 -15.22 4.01
N GLY B 238 5.85 -14.26 3.34
CA GLY B 238 5.19 -14.57 2.08
C GLY B 238 4.12 -15.65 2.18
N VAL B 239 3.33 -15.60 3.25
CA VAL B 239 2.12 -16.42 3.31
C VAL B 239 0.94 -15.50 3.63
N PRO B 240 -0.28 -15.89 3.21
CA PRO B 240 -1.43 -15.01 3.40
C PRO B 240 -1.63 -14.60 4.85
N GLN B 241 -1.34 -15.50 5.78
CA GLN B 241 -1.63 -15.21 7.19
C GLN B 241 -0.75 -14.11 7.74
N THR B 242 0.47 -13.97 7.22
CA THR B 242 1.36 -12.95 7.76
C THR B 242 1.11 -11.59 7.13
N VAL B 243 0.60 -11.56 5.89
CA VAL B 243 0.17 -10.29 5.30
C VAL B 243 -1.02 -9.76 6.11
N GLU B 244 -1.97 -10.65 6.39
CA GLU B 244 -3.12 -10.27 7.22
C GLU B 244 -2.68 -9.78 8.59
N LEU B 245 -1.75 -10.51 9.20
CA LEU B 245 -1.23 -10.15 10.51
C LEU B 245 -0.61 -8.78 10.49
N ALA B 246 0.15 -8.49 9.45
CA ALA B 246 0.78 -7.18 9.33
C ALA B 246 -0.24 -6.03 9.40
N VAL B 247 -1.33 -6.16 8.65
CA VAL B 247 -2.35 -5.11 8.65
C VAL B 247 -3.05 -5.02 10.01
N GLU B 248 -3.32 -6.19 10.60
CA GLU B 248 -4.01 -6.24 11.88
C GLU B 248 -3.21 -5.61 13.03
N ILE B 249 -1.89 -5.77 13.02
CA ILE B 249 -1.12 -5.29 14.16
C ILE B 249 -0.65 -3.86 13.96
N ALA B 250 -0.74 -3.36 12.73
CA ALA B 250 -0.08 -2.11 12.40
C ALA B 250 -0.60 -0.92 13.20
N GLY B 251 0.30 0.00 13.49
CA GLY B 251 -0.03 1.21 14.21
C GLY B 251 -0.43 2.26 13.20
N PRO B 252 -0.78 3.45 13.69
CA PRO B 252 -1.23 4.53 12.81
C PRO B 252 -0.13 4.99 11.86
N HIS B 253 -0.51 5.14 10.59
CA HIS B 253 0.39 5.52 9.49
C HIS B 253 1.62 4.63 9.36
N ALA B 254 1.54 3.39 9.81
CA ALA B 254 2.64 2.47 9.62
C ALA B 254 2.96 2.27 8.15
N GLN B 255 4.24 2.09 7.88
CA GLN B 255 4.70 1.61 6.58
C GLN B 255 4.77 0.11 6.61
N LEU B 256 4.14 -0.53 5.63
N LEU B 256 4.23 -0.51 5.56
CA LEU B 256 4.23 -1.98 5.51
CA LEU B 256 4.14 -1.96 5.46
C LEU B 256 4.92 -2.29 4.20
C LEU B 256 4.83 -2.47 4.19
N ALA B 257 6.09 -2.91 4.30
CA ALA B 257 6.84 -3.30 3.11
C ALA B 257 6.64 -4.77 2.86
N LEU B 258 6.21 -5.10 1.65
CA LEU B 258 5.91 -6.48 1.30
C LEU B 258 7.10 -7.03 0.53
N VAL B 259 7.78 -8.03 1.09
N VAL B 259 7.73 -8.04 1.12
CA VAL B 259 8.93 -8.60 0.39
CA VAL B 259 8.94 -8.62 0.59
C VAL B 259 8.79 -10.11 0.18
C VAL B 259 8.65 -10.04 0.10
N GLY B 260 7.86 -10.75 0.89
CA GLY B 260 7.55 -12.14 0.61
C GLY B 260 6.55 -12.34 -0.51
N THR B 261 6.91 -13.15 -1.49
CA THR B 261 5.97 -13.43 -2.57
C THR B 261 5.00 -14.52 -2.11
N LEU B 262 3.72 -14.32 -2.38
CA LEU B 262 2.73 -15.32 -2.04
C LEU B 262 2.68 -16.39 -3.11
N HIS B 263 2.51 -17.63 -2.69
CA HIS B 263 2.28 -18.73 -3.61
C HIS B 263 0.90 -19.30 -3.34
N GLN B 264 0.17 -18.59 -2.49
CA GLN B 264 -1.22 -18.90 -2.19
C GLN B 264 -2.02 -17.60 -2.34
N ASP B 265 -3.30 -17.70 -2.67
CA ASP B 265 -4.15 -16.51 -2.77
C ASP B 265 -4.31 -15.83 -1.41
N LEU B 266 -4.64 -14.54 -1.43
CA LEU B 266 -4.86 -13.75 -0.22
C LEU B 266 -6.32 -13.35 -0.09
N HIS B 267 -6.97 -13.82 0.97
CA HIS B 267 -8.37 -13.49 1.21
C HIS B 267 -8.41 -12.57 2.41
N LEU B 268 -8.63 -11.29 2.18
CA LEU B 268 -8.73 -10.33 3.26
C LEU B 268 -10.19 -10.03 3.56
N THR B 269 -10.56 -10.06 4.84
CA THR B 269 -11.91 -9.67 5.22
C THR B 269 -12.11 -8.21 4.90
N SER B 270 -13.36 -7.79 4.82
CA SER B 270 -13.65 -6.39 4.60
C SER B 270 -13.14 -5.57 5.78
N ALA B 271 -13.19 -6.14 6.98
CA ALA B 271 -12.68 -5.47 8.16
C ALA B 271 -11.17 -5.25 8.07
N THR B 272 -10.42 -6.30 7.70
CA THR B 272 -8.97 -6.17 7.61
C THR B 272 -8.61 -5.17 6.52
N PHE B 273 -9.24 -5.30 5.35
CA PHE B 273 -9.03 -4.32 4.30
C PHE B 273 -9.32 -2.91 4.83
N GLY B 274 -10.40 -2.79 5.59
CA GLY B 274 -10.80 -1.50 6.13
C GLY B 274 -9.72 -0.87 6.98
N LYS B 275 -8.94 -1.69 7.66
CA LYS B 275 -7.88 -1.17 8.52
C LYS B 275 -6.75 -0.53 7.71
N ILE B 276 -6.54 -0.97 6.48
CA ILE B 276 -5.55 -0.29 5.65
C ILE B 276 -5.92 1.18 5.48
N LEU B 277 -7.20 1.45 5.22
CA LEU B 277 -7.69 2.81 5.08
C LEU B 277 -7.72 3.51 6.43
N ARG B 278 -8.36 2.89 7.42
CA ARG B 278 -8.57 3.57 8.70
C ARG B 278 -7.26 3.93 9.43
N LYS B 279 -6.26 3.07 9.34
CA LYS B 279 -4.95 3.37 9.93
C LYS B 279 -4.09 4.22 9.00
N GLU B 280 -4.60 4.49 7.81
CA GLU B 280 -3.86 5.18 6.75
C GLU B 280 -2.44 4.58 6.61
N LEU B 281 -2.42 3.28 6.41
CA LEU B 281 -1.18 2.57 6.13
C LEU B 281 -0.64 2.96 4.77
N THR B 282 0.68 2.84 4.64
CA THR B 282 1.32 2.88 3.34
C THR B 282 1.88 1.51 3.10
N VAL B 283 1.36 0.83 2.09
CA VAL B 283 1.81 -0.52 1.79
C VAL B 283 2.74 -0.42 0.61
N ILE B 284 3.98 -0.91 0.79
CA ILE B 284 5.03 -0.72 -0.19
C ILE B 284 5.45 -2.06 -0.79
N GLY B 285 5.17 -2.27 -2.07
CA GLY B 285 5.60 -3.49 -2.72
C GLY B 285 7.09 -3.38 -2.96
N SER B 286 7.81 -4.44 -2.60
CA SER B 286 9.24 -4.43 -2.79
C SER B 286 9.58 -5.61 -3.70
N TRP B 287 10.37 -5.37 -4.72
CA TRP B 287 10.66 -6.43 -5.68
C TRP B 287 12.13 -6.45 -5.97
N MET B 288 12.72 -7.61 -5.72
N MET B 288 12.72 -7.61 -5.77
CA MET B 288 14.14 -7.82 -5.84
CA MET B 288 14.14 -7.79 -5.95
C MET B 288 14.93 -6.81 -5.04
C MET B 288 14.92 -6.84 -5.08
N ASN B 289 16.00 -6.30 -5.62
CA ASN B 289 16.96 -5.60 -4.80
C ASN B 289 17.99 -4.77 -5.54
N TYR B 290 17.50 -3.92 -6.44
CA TYR B 290 18.38 -3.15 -7.31
C TYR B 290 17.99 -1.69 -7.40
N SER B 291 18.97 -0.86 -7.71
CA SER B 291 18.75 0.55 -7.96
C SER B 291 19.92 1.13 -8.73
N SER B 292 19.76 2.36 -9.19
CA SER B 292 20.83 3.04 -9.92
C SER B 292 21.79 3.73 -8.94
N PRO B 293 23.10 3.66 -9.20
CA PRO B 293 23.74 2.99 -10.34
C PRO B 293 23.83 1.48 -10.15
N TRP B 294 23.63 0.72 -11.23
CA TRP B 294 23.68 -0.75 -11.19
C TRP B 294 24.91 -1.30 -10.47
N PRO B 295 24.72 -2.26 -9.53
CA PRO B 295 23.45 -2.87 -9.12
C PRO B 295 22.73 -2.11 -8.00
N GLY B 296 23.31 -1.06 -7.45
CA GLY B 296 22.60 -0.22 -6.49
C GLY B 296 23.33 -0.04 -5.18
N GLN B 297 22.95 0.99 -4.43
CA GLN B 297 23.59 1.24 -3.14
C GLN B 297 23.38 0.11 -2.16
N GLU B 298 22.29 -0.64 -2.34
CA GLU B 298 22.02 -1.80 -1.48
C GLU B 298 23.22 -2.76 -1.43
N TRP B 299 23.85 -2.96 -2.57
CA TRP B 299 24.96 -3.90 -2.67
C TRP B 299 26.20 -3.35 -1.96
N GLU B 300 26.46 -2.07 -2.13
CA GLU B 300 27.57 -1.42 -1.43
C GLU B 300 27.34 -1.46 0.08
N THR B 301 26.11 -1.19 0.50
CA THR B 301 25.82 -1.18 1.93
C THR B 301 25.97 -2.57 2.54
N ALA B 302 25.49 -3.58 1.81
CA ALA B 302 25.62 -4.98 2.25
C ALA B 302 27.07 -5.34 2.47
N SER B 303 27.90 -5.01 1.48
CA SER B 303 29.33 -5.30 1.57
C SER B 303 29.96 -4.58 2.76
N ARG B 304 29.59 -3.32 2.94
CA ARG B 304 30.12 -2.51 4.02
C ARG B 304 29.71 -3.05 5.39
N LEU B 305 28.43 -3.37 5.55
CA LEU B 305 27.95 -3.88 6.83
C LEU B 305 28.68 -5.16 7.20
N LEU B 306 28.91 -6.00 6.21
CA LEU B 306 29.68 -7.23 6.42
C LEU B 306 31.12 -6.94 6.85
N THR B 307 31.79 -6.04 6.13
CA THR B 307 33.18 -5.72 6.43
C THR B 307 33.30 -5.09 7.81
N GLU B 308 32.30 -4.30 8.18
CA GLU B 308 32.31 -3.59 9.46
C GLU B 308 31.92 -4.50 10.62
N ARG B 309 31.66 -5.77 10.34
CA ARG B 309 31.37 -6.76 11.37
C ARG B 309 30.03 -6.47 12.06
N LYS B 310 29.10 -5.86 11.33
CA LYS B 310 27.81 -5.48 11.90
C LYS B 310 26.79 -6.59 11.73
N LEU B 311 27.15 -7.59 10.93
CA LEU B 311 26.24 -8.70 10.66
C LEU B 311 26.80 -10.00 11.19
N SER B 312 25.94 -10.99 11.35
CA SER B 312 26.34 -12.27 11.91
C SER B 312 25.72 -13.39 11.08
N LEU B 313 26.55 -14.07 10.29
CA LEU B 313 26.07 -15.06 9.34
C LEU B 313 26.11 -16.51 9.84
N GLU B 314 27.13 -16.87 10.61
CA GLU B 314 27.25 -18.24 11.10
C GLU B 314 25.98 -18.81 11.75
N PRO B 315 25.33 -18.05 12.64
CA PRO B 315 24.15 -18.63 13.29
C PRO B 315 22.99 -18.90 12.33
N LEU B 316 23.05 -18.29 11.14
CA LEU B 316 21.97 -18.42 10.16
C LEU B 316 22.05 -19.74 9.42
N ILE B 317 23.22 -20.37 9.49
CA ILE B 317 23.50 -21.50 8.63
C ILE B 317 23.13 -22.84 9.28
N ALA B 318 22.28 -23.60 8.60
CA ALA B 318 21.81 -24.88 9.11
C ALA B 318 22.54 -26.05 8.47
N HIS B 319 23.12 -25.82 7.30
CA HIS B 319 23.78 -26.90 6.58
C HIS B 319 24.85 -26.40 5.64
N ARG B 320 26.01 -27.07 5.66
CA ARG B 320 27.04 -26.89 4.63
C ARG B 320 27.36 -28.27 4.06
N GLY B 321 27.38 -28.38 2.75
CA GLY B 321 27.74 -29.65 2.15
C GLY B 321 28.01 -29.51 0.67
N SER B 322 28.74 -30.48 0.11
CA SER B 322 28.91 -30.50 -1.33
C SER B 322 27.65 -31.10 -1.94
N PHE B 323 27.73 -31.52 -3.21
CA PHE B 323 26.52 -31.75 -3.99
C PHE B 323 25.57 -32.81 -3.44
N GLU B 324 26.07 -33.99 -3.11
CA GLU B 324 25.19 -35.04 -2.59
C GLU B 324 24.57 -34.63 -1.25
N SER B 325 25.40 -34.08 -0.37
CA SER B 325 24.94 -33.66 0.95
C SER B 325 23.89 -32.56 0.84
N PHE B 326 24.21 -31.56 0.02
CA PHE B 326 23.30 -30.44 -0.22
C PHE B 326 21.97 -30.91 -0.81
N ALA B 327 22.03 -31.78 -1.82
CA ALA B 327 20.83 -32.26 -2.47
C ALA B 327 19.92 -33.00 -1.49
N GLN B 328 20.52 -33.81 -0.63
CA GLN B 328 19.72 -34.56 0.35
C GLN B 328 19.09 -33.63 1.37
N ALA B 329 19.83 -32.61 1.78
CA ALA B 329 19.32 -31.59 2.69
C ALA B 329 18.10 -30.90 2.09
N VAL B 330 18.16 -30.61 0.79
CA VAL B 330 17.04 -29.98 0.11
C VAL B 330 15.85 -30.94 0.09
N ARG B 331 16.10 -32.19 -0.24
CA ARG B 331 15.02 -33.18 -0.29
C ARG B 331 14.35 -33.33 1.09
N ASP B 332 15.16 -33.25 2.14
CA ASP B 332 14.65 -33.40 3.50
C ASP B 332 13.71 -32.25 3.89
N ILE B 333 13.84 -31.11 3.22
CA ILE B 333 12.98 -29.98 3.54
C ILE B 333 11.55 -30.20 3.04
N ALA B 334 11.42 -30.64 1.78
CA ALA B 334 10.11 -30.85 1.16
C ALA B 334 9.21 -29.61 1.29
N ARG B 335 7.97 -29.78 1.70
CA ARG B 335 7.12 -28.62 1.98
C ARG B 335 6.99 -28.45 3.50
N ASN B 336 8.08 -28.73 4.20
CA ASN B 336 8.19 -28.37 5.61
C ASN B 336 8.83 -26.98 5.70
N ALA B 337 8.94 -26.46 6.93
CA ALA B 337 9.56 -25.15 7.13
C ALA B 337 11.07 -25.24 6.90
N MET B 338 11.67 -24.13 6.48
CA MET B 338 13.11 -24.08 6.29
C MET B 338 13.79 -24.09 7.66
N PRO B 339 14.84 -24.91 7.81
CA PRO B 339 15.56 -24.97 9.09
C PRO B 339 16.47 -23.76 9.32
N GLY B 340 17.00 -23.21 8.24
CA GLY B 340 17.98 -22.14 8.29
C GLY B 340 18.64 -22.15 6.92
N LYS B 341 19.75 -21.42 6.75
CA LYS B 341 20.35 -21.33 5.42
C LYS B 341 21.03 -22.65 5.11
N VAL B 342 20.65 -23.24 3.98
CA VAL B 342 21.32 -24.43 3.46
C VAL B 342 22.29 -24.01 2.36
N LEU B 343 23.59 -24.27 2.60
CA LEU B 343 24.65 -23.85 1.67
C LEU B 343 25.20 -25.03 0.89
N LEU B 344 25.33 -24.82 -0.41
CA LEU B 344 26.11 -25.72 -1.24
C LEU B 344 27.54 -25.22 -1.24
N ILE B 345 28.45 -26.08 -0.84
CA ILE B 345 29.88 -25.77 -0.86
C ILE B 345 30.54 -26.77 -1.78
N PRO B 346 30.75 -26.40 -3.05
CA PRO B 346 31.24 -27.38 -4.03
C PRO B 346 32.60 -28.01 -3.66
ZN ZN C . -7.81 12.19 19.80
ZN ZN D . -18.93 11.24 3.27
ZN ZN E . -11.17 -16.23 -1.03
C1 GOL F . -16.23 11.14 4.47
O1 GOL F . -17.32 12.02 4.55
C2 GOL F . -16.60 10.03 3.49
O2 GOL F . -17.79 9.43 3.89
C3 GOL F . -15.49 9.00 3.46
O3 GOL F . -14.88 9.09 2.19
ZN ZN G . 14.78 -3.10 -19.49
ZN ZN H . 16.12 -14.77 -3.27
C1 GOL I . 15.42 -12.04 -4.40
O1 GOL I . 16.59 -12.85 -4.31
C2 GOL I . 14.30 -12.76 -3.67
O2 GOL I . 14.19 -14.10 -4.12
C3 GOL I . 12.98 -12.04 -3.88
O3 GOL I . 12.56 -11.61 -2.60
#